data_2KDK
#
_entry.id   2KDK
#
_entity_poly.entity_id   1
_entity_poly.type   'polypeptide(L)'
_entity_poly.pdbx_seq_one_letter_code
;GHMNSGEINVKPTEFITRFAVNGKFVYVDQRATAILGYLPQELLGTSCYEYFHQDDHNNLTDKHKAVLQSKEKILTDSYK
FRAKDGSFVTLKSQWFSFTNPDTKELEYIVSVNTLVLGHSE
;
_entity_poly.pdbx_strand_id   A
#
# COMPACT_ATOMS: atom_id res chain seq x y z
N ASN A 4 -16.01 -25.11 -14.82
CA ASN A 4 -16.47 -24.86 -13.43
C ASN A 4 -16.49 -23.36 -13.12
N SER A 5 -17.68 -22.76 -13.00
CA SER A 5 -17.86 -21.33 -12.74
C SER A 5 -17.24 -20.86 -11.42
N GLY A 6 -17.03 -21.78 -10.45
CA GLY A 6 -16.42 -21.49 -9.16
C GLY A 6 -14.89 -21.38 -9.20
N GLU A 7 -14.25 -21.67 -10.34
CA GLU A 7 -12.81 -21.52 -10.50
C GLU A 7 -12.43 -20.04 -10.36
N ILE A 8 -11.34 -19.75 -9.65
CA ILE A 8 -10.85 -18.40 -9.39
C ILE A 8 -9.37 -18.54 -9.02
N ASN A 9 -8.58 -17.47 -9.17
CA ASN A 9 -7.23 -17.40 -8.63
C ASN A 9 -6.88 -15.94 -8.41
N VAL A 10 -6.27 -15.62 -7.26
CA VAL A 10 -6.06 -14.23 -6.81
C VAL A 10 -4.61 -14.01 -6.33
N LYS A 11 -3.74 -15.02 -6.48
CA LYS A 11 -2.35 -14.98 -6.03
C LYS A 11 -1.58 -13.92 -6.81
N PRO A 12 -0.61 -13.27 -6.15
CA PRO A 12 0.69 -13.79 -5.75
C PRO A 12 0.98 -13.21 -4.33
N THR A 13 1.97 -12.34 -4.18
CA THR A 13 2.51 -11.89 -2.90
C THR A 13 2.79 -10.37 -3.08
N GLU A 14 1.83 -9.73 -3.74
CA GLU A 14 1.84 -8.37 -4.27
C GLU A 14 0.38 -7.91 -4.32
N PHE A 15 0.16 -6.60 -4.39
CA PHE A 15 -1.15 -6.00 -4.67
C PHE A 15 -0.96 -4.60 -5.23
N ILE A 16 -2.07 -3.87 -5.37
CA ILE A 16 -2.16 -2.61 -6.08
C ILE A 16 -3.28 -1.86 -5.40
N THR A 17 -3.17 -0.54 -5.40
CA THR A 17 -3.93 0.27 -4.48
C THR A 17 -4.07 1.72 -4.96
N ARG A 18 -4.94 2.49 -4.29
CA ARG A 18 -4.95 3.94 -4.41
C ARG A 18 -5.20 4.47 -3.01
N PHE A 19 -4.55 5.58 -2.65
CA PHE A 19 -4.66 6.21 -1.35
C PHE A 19 -4.78 7.68 -1.72
N ALA A 20 -5.82 8.35 -1.24
CA ALA A 20 -5.86 9.81 -1.32
C ALA A 20 -4.87 10.34 -0.29
N VAL A 21 -4.41 11.59 -0.40
CA VAL A 21 -3.67 12.27 0.68
C VAL A 21 -4.67 12.41 1.86
N ASN A 22 -4.87 11.32 2.60
CA ASN A 22 -5.99 11.14 3.53
C ASN A 22 -5.71 10.13 4.67
N GLY A 23 -4.66 9.30 4.57
CA GLY A 23 -4.32 8.34 5.61
C GLY A 23 -5.04 6.98 5.49
N LYS A 24 -5.74 6.70 4.39
CA LYS A 24 -6.32 5.37 4.12
C LYS A 24 -6.08 5.00 2.67
N PHE A 25 -6.09 3.71 2.36
CA PHE A 25 -6.14 3.28 0.98
C PHE A 25 -7.61 3.40 0.61
N VAL A 26 -7.93 4.42 -0.18
CA VAL A 26 -9.30 4.69 -0.60
C VAL A 26 -9.73 3.66 -1.66
N TYR A 27 -8.79 2.91 -2.22
CA TYR A 27 -9.05 1.72 -3.03
C TYR A 27 -7.96 0.71 -2.70
N VAL A 28 -8.29 -0.58 -2.71
CA VAL A 28 -7.35 -1.68 -2.52
C VAL A 28 -7.81 -2.78 -3.49
N ASP A 29 -6.86 -3.55 -4.03
CA ASP A 29 -7.14 -4.69 -4.91
C ASP A 29 -7.21 -6.01 -4.15
N GLN A 30 -7.96 -7.00 -4.63
CA GLN A 30 -8.14 -8.34 -4.05
C GLN A 30 -6.84 -9.17 -3.97
N ARG A 31 -5.80 -8.85 -4.75
CA ARG A 31 -4.52 -9.49 -4.50
C ARG A 31 -4.05 -9.10 -3.08
N ALA A 32 -4.58 -8.02 -2.47
CA ALA A 32 -4.41 -7.76 -1.04
C ALA A 32 -5.05 -8.86 -0.16
N THR A 33 -6.21 -9.35 -0.57
CA THR A 33 -6.84 -10.53 0.02
C THR A 33 -5.94 -11.76 -0.14
N ALA A 34 -5.00 -11.78 -1.10
CA ALA A 34 -4.18 -12.98 -1.28
C ALA A 34 -2.77 -12.92 -0.68
N ILE A 35 -2.10 -11.77 -0.80
CA ILE A 35 -0.69 -11.53 -0.43
C ILE A 35 -0.41 -11.85 1.03
N LEU A 36 -1.24 -11.29 1.89
CA LEU A 36 -1.13 -11.40 3.33
C LEU A 36 -2.53 -11.61 3.94
N GLY A 37 -3.58 -11.16 3.25
CA GLY A 37 -4.95 -11.50 3.59
C GLY A 37 -5.66 -10.45 4.39
N TYR A 38 -6.16 -9.42 3.69
CA TYR A 38 -7.14 -8.49 4.21
C TYR A 38 -7.92 -7.99 3.01
N LEU A 39 -9.17 -7.62 3.25
CA LEU A 39 -10.06 -7.41 2.14
C LEU A 39 -9.73 -6.05 1.52
N PRO A 40 -10.28 -5.91 0.33
CA PRO A 40 -11.04 -4.66 0.04
C PRO A 40 -12.22 -4.25 0.95
N GLN A 41 -12.01 -4.24 2.28
CA GLN A 41 -12.80 -3.57 3.33
C GLN A 41 -12.04 -3.59 4.67
N GLU A 42 -11.10 -4.54 4.86
CA GLU A 42 -10.25 -4.55 6.06
C GLU A 42 -8.99 -3.73 5.81
N LEU A 43 -8.76 -3.31 4.55
CA LEU A 43 -7.65 -2.43 4.20
C LEU A 43 -8.09 -1.18 3.48
N LEU A 44 -9.36 -1.13 3.10
CA LEU A 44 -9.89 -0.15 2.18
C LEU A 44 -10.80 0.74 2.99
N GLY A 45 -10.50 2.05 3.02
CA GLY A 45 -11.12 2.94 3.99
C GLY A 45 -10.67 2.61 5.42
N THR A 46 -9.45 2.05 5.56
CA THR A 46 -8.86 1.65 6.84
C THR A 46 -7.55 2.42 6.97
N SER A 47 -7.29 2.98 8.16
CA SER A 47 -6.19 3.91 8.40
C SER A 47 -4.83 3.25 8.23
N CYS A 48 -4.22 3.46 7.07
CA CYS A 48 -2.86 3.08 6.72
C CYS A 48 -1.90 3.22 7.91
N TYR A 49 -1.80 4.42 8.48
CA TYR A 49 -0.77 4.70 9.47
C TYR A 49 -0.98 3.90 10.78
N GLU A 50 -2.23 3.80 11.24
CA GLU A 50 -2.54 3.15 12.52
C GLU A 50 -2.51 1.62 12.38
N TYR A 51 -2.79 1.11 11.18
CA TYR A 51 -2.92 -0.32 10.87
C TYR A 51 -1.58 -0.90 10.35
N PHE A 52 -0.52 -0.09 10.35
CA PHE A 52 0.84 -0.42 9.95
C PHE A 52 1.65 -0.68 11.24
N HIS A 53 2.91 -1.10 11.09
CA HIS A 53 3.79 -1.41 12.22
C HIS A 53 4.02 -0.21 13.16
N GLN A 54 4.48 -0.50 14.38
CA GLN A 54 4.75 0.49 15.42
C GLN A 54 5.89 1.47 15.06
N ASP A 55 6.71 1.13 14.07
CA ASP A 55 7.87 1.90 13.60
C ASP A 55 7.95 1.70 12.09
N ASP A 56 8.47 2.66 11.33
CA ASP A 56 8.50 2.70 9.88
C ASP A 56 7.18 3.27 9.38
N HIS A 57 6.14 3.42 10.23
CA HIS A 57 4.96 4.20 9.85
C HIS A 57 5.35 5.67 9.64
N ASN A 58 6.38 6.15 10.36
CA ASN A 58 6.96 7.45 10.10
C ASN A 58 7.56 7.40 8.72
N ASN A 59 8.38 6.39 8.47
CA ASN A 59 9.12 6.36 7.24
C ASN A 59 8.12 6.33 6.08
N LEU A 60 7.10 5.48 6.17
CA LEU A 60 5.95 5.36 5.30
C LEU A 60 5.30 6.73 5.07
N THR A 61 5.10 7.51 6.11
CA THR A 61 4.47 8.83 6.04
C THR A 61 5.42 9.85 5.43
N ASP A 62 6.71 9.68 5.65
CA ASP A 62 7.76 10.59 5.20
C ASP A 62 8.00 10.34 3.71
N LYS A 63 7.83 9.08 3.32
CA LYS A 63 7.93 8.63 1.96
C LYS A 63 6.70 9.02 1.20
N HIS A 64 5.51 8.80 1.74
CA HIS A 64 4.36 9.09 0.93
C HIS A 64 4.25 10.61 0.82
N LYS A 65 4.64 11.44 1.82
CA LYS A 65 4.75 12.88 1.54
C LYS A 65 5.86 13.12 0.56
N ALA A 66 6.91 12.32 0.50
CA ALA A 66 7.89 12.47 -0.57
C ALA A 66 7.29 12.11 -1.94
N VAL A 67 6.19 11.34 -1.99
CA VAL A 67 5.47 11.07 -3.25
C VAL A 67 4.58 12.30 -3.55
N LEU A 68 3.77 12.72 -2.56
CA LEU A 68 2.82 13.85 -2.57
C LEU A 68 3.51 15.22 -2.67
N GLN A 69 4.81 15.23 -2.39
CA GLN A 69 5.68 16.41 -2.42
C GLN A 69 5.53 17.07 -3.81
N SER A 70 5.42 16.23 -4.84
CA SER A 70 5.10 16.59 -6.23
C SER A 70 3.74 15.95 -6.60
N LYS A 71 3.28 16.04 -7.86
CA LYS A 71 1.90 15.69 -8.22
C LYS A 71 1.91 14.66 -9.33
N GLU A 72 3.10 14.21 -9.76
CA GLU A 72 3.22 13.43 -10.97
C GLU A 72 4.44 12.47 -10.98
N LYS A 73 4.88 11.95 -9.82
CA LYS A 73 6.12 11.16 -9.76
C LYS A 73 6.02 9.98 -8.82
N ILE A 74 7.04 9.12 -8.87
CA ILE A 74 7.02 7.80 -8.28
C ILE A 74 8.25 7.58 -7.40
N LEU A 75 8.03 7.00 -6.22
CA LEU A 75 9.09 6.61 -5.28
C LEU A 75 8.86 5.16 -4.85
N THR A 76 9.94 4.48 -4.48
CA THR A 76 9.96 3.09 -4.07
C THR A 76 10.83 2.99 -2.81
N ASP A 77 10.32 2.30 -1.80
CA ASP A 77 11.06 1.95 -0.57
C ASP A 77 10.54 0.64 0.04
N SER A 78 11.28 0.09 1.00
CA SER A 78 10.84 -1.02 1.84
C SER A 78 10.01 -0.47 3.01
N TYR A 79 9.03 -1.24 3.44
CA TYR A 79 8.07 -0.94 4.50
C TYR A 79 7.72 -2.24 5.18
N LYS A 80 6.76 -2.15 6.08
CA LYS A 80 6.44 -3.24 6.99
C LYS A 80 4.98 -3.14 7.32
N PHE A 81 4.27 -4.27 7.33
CA PHE A 81 2.82 -4.24 7.35
C PHE A 81 2.32 -5.48 8.06
N ARG A 82 1.05 -5.50 8.45
CA ARG A 82 0.46 -6.62 9.15
C ARG A 82 -0.99 -6.74 8.73
N ALA A 83 -1.31 -7.89 8.15
CA ALA A 83 -2.63 -8.22 7.65
C ALA A 83 -3.60 -8.66 8.76
N LYS A 84 -4.79 -9.11 8.37
CA LYS A 84 -5.93 -9.31 9.29
C LYS A 84 -5.65 -10.33 10.40
N ASP A 85 -5.03 -11.46 10.05
CA ASP A 85 -5.04 -12.65 10.90
C ASP A 85 -3.93 -12.61 11.94
N GLY A 86 -2.72 -12.33 11.47
CA GLY A 86 -1.52 -12.46 12.30
C GLY A 86 -0.19 -12.37 11.54
N SER A 87 -0.25 -12.21 10.22
CA SER A 87 0.89 -12.20 9.31
C SER A 87 1.59 -10.85 9.40
N PHE A 88 2.44 -10.68 10.40
CA PHE A 88 3.37 -9.55 10.47
C PHE A 88 4.42 -9.84 9.40
N VAL A 89 4.61 -8.90 8.47
CA VAL A 89 5.34 -9.16 7.23
C VAL A 89 5.99 -7.87 6.72
N THR A 90 6.81 -7.98 5.68
CA THR A 90 7.40 -6.80 5.06
C THR A 90 6.38 -6.28 4.06
N LEU A 91 6.64 -5.12 3.50
CA LEU A 91 6.01 -4.65 2.28
C LEU A 91 7.16 -3.96 1.55
N LYS A 92 7.09 -3.88 0.25
CA LYS A 92 8.11 -3.31 -0.61
C LYS A 92 7.19 -2.67 -1.62
N SER A 93 7.21 -1.35 -1.74
CA SER A 93 6.09 -0.71 -2.41
C SER A 93 6.51 0.52 -3.16
N GLN A 94 5.67 0.89 -4.11
CA GLN A 94 5.94 1.97 -5.04
C GLN A 94 4.68 2.80 -5.11
N TRP A 95 4.79 4.13 -5.02
CA TRP A 95 3.64 5.01 -4.98
C TRP A 95 3.92 6.18 -5.91
N PHE A 96 2.96 6.48 -6.78
CA PHE A 96 3.03 7.53 -7.78
C PHE A 96 2.01 8.57 -7.35
N SER A 97 2.38 9.84 -7.27
CA SER A 97 1.39 10.88 -7.11
C SER A 97 0.59 10.96 -8.42
N PHE A 98 -0.72 11.16 -8.29
CA PHE A 98 -1.68 11.15 -9.37
C PHE A 98 -2.37 12.49 -9.35
N THR A 99 -2.25 13.21 -10.46
CA THR A 99 -2.90 14.47 -10.67
C THR A 99 -4.24 14.23 -11.40
N ASN A 100 -5.17 15.17 -11.22
CA ASN A 100 -6.55 15.08 -11.74
C ASN A 100 -6.53 14.95 -13.28
N PRO A 101 -5.50 15.49 -13.94
CA PRO A 101 -5.37 16.93 -14.13
C PRO A 101 -6.55 17.50 -14.97
N ASP A 102 -7.70 17.75 -14.34
CA ASP A 102 -8.57 18.86 -14.76
C ASP A 102 -8.03 20.21 -14.33
N THR A 103 -7.22 20.19 -13.27
CA THR A 103 -6.75 21.40 -12.59
C THR A 103 -5.24 21.37 -12.33
N LYS A 104 -4.60 20.25 -12.69
CA LYS A 104 -3.23 19.87 -12.32
C LYS A 104 -3.02 19.81 -10.78
N GLU A 105 -4.09 19.61 -10.00
CA GLU A 105 -3.96 19.34 -8.56
C GLU A 105 -3.46 17.92 -8.33
N LEU A 106 -2.89 17.68 -7.15
CA LEU A 106 -2.62 16.34 -6.67
C LEU A 106 -3.94 15.88 -6.10
N GLU A 107 -4.39 14.73 -6.59
CA GLU A 107 -5.74 14.24 -6.38
C GLU A 107 -5.69 12.85 -5.72
N TYR A 108 -4.69 11.99 -5.98
CA TYR A 108 -4.47 10.75 -5.24
C TYR A 108 -3.00 10.40 -5.29
N ILE A 109 -2.69 9.28 -4.68
CA ILE A 109 -1.43 8.57 -4.79
C ILE A 109 -1.90 7.20 -5.24
N VAL A 110 -1.59 6.84 -6.48
CA VAL A 110 -1.87 5.48 -6.97
C VAL A 110 -0.63 4.65 -6.65
N SER A 111 -0.71 3.32 -6.54
CA SER A 111 0.41 2.59 -5.98
C SER A 111 0.37 1.09 -6.19
N VAL A 112 1.50 0.44 -5.92
CA VAL A 112 1.62 -1.01 -5.88
C VAL A 112 2.43 -1.44 -4.68
N ASN A 113 2.29 -2.71 -4.31
CA ASN A 113 2.81 -3.22 -3.07
C ASN A 113 3.26 -4.63 -3.37
N THR A 114 4.26 -5.05 -2.63
CA THR A 114 4.88 -6.35 -2.74
C THR A 114 5.29 -6.76 -1.33
N LEU A 115 5.59 -8.01 -1.02
CA LEU A 115 6.27 -8.35 0.23
C LEU A 115 7.24 -9.52 0.09
N VAL A 116 7.98 -9.70 1.17
CA VAL A 116 8.88 -10.80 1.50
C VAL A 116 8.56 -11.17 2.96
N LEU A 117 8.98 -12.34 3.43
CA LEU A 117 8.74 -12.74 4.83
C LEU A 117 9.59 -11.89 5.79
N GLY A 118 10.74 -11.40 5.32
CA GLY A 118 11.66 -10.57 6.07
C GLY A 118 12.77 -10.04 5.14
N HIS A 119 13.60 -9.13 5.66
CA HIS A 119 14.73 -8.59 4.89
C HIS A 119 15.75 -9.70 4.62
N SER A 120 16.53 -9.55 3.55
CA SER A 120 17.54 -10.51 3.11
C SER A 120 18.79 -10.52 4.01
N GLU A 121 19.02 -9.45 4.79
CA GLU A 121 20.14 -9.34 5.72
C GLU A 121 20.05 -10.44 6.77
N ASN A 4 -7.85 -17.59 14.99
CA ASN A 4 -6.59 -16.79 14.83
C ASN A 4 -5.84 -17.22 13.56
N SER A 5 -5.33 -16.26 12.79
CA SER A 5 -4.72 -16.45 11.48
C SER A 5 -3.35 -15.76 11.47
N GLY A 6 -2.43 -16.31 12.26
CA GLY A 6 -1.09 -15.76 12.52
C GLY A 6 -0.24 -15.53 11.27
N GLU A 7 -0.54 -16.20 10.16
CA GLU A 7 0.03 -15.95 8.83
C GLU A 7 -1.07 -16.28 7.83
N ILE A 8 -1.28 -15.41 6.84
CA ILE A 8 -2.32 -15.56 5.82
C ILE A 8 -1.81 -14.96 4.49
N ASN A 9 -0.62 -15.37 4.10
CA ASN A 9 0.04 -15.03 2.84
C ASN A 9 -0.49 -16.00 1.78
N VAL A 10 -1.80 -15.94 1.54
CA VAL A 10 -2.59 -16.86 0.72
C VAL A 10 -1.88 -17.22 -0.58
N LYS A 11 -1.65 -16.23 -1.44
CA LYS A 11 -0.88 -16.19 -2.70
C LYS A 11 -1.69 -15.61 -3.83
N PRO A 12 -1.08 -14.85 -4.75
CA PRO A 12 0.23 -14.26 -4.70
C PRO A 12 0.21 -13.10 -3.70
N THR A 13 1.37 -12.47 -3.55
CA THR A 13 1.78 -11.93 -2.25
C THR A 13 2.29 -10.51 -2.56
N GLU A 14 1.49 -9.83 -3.38
CA GLU A 14 1.60 -8.49 -3.89
C GLU A 14 0.17 -7.94 -3.99
N PHE A 15 -0.01 -6.64 -4.21
CA PHE A 15 -1.30 -6.01 -4.49
C PHE A 15 -1.08 -4.66 -5.17
N ILE A 16 -2.16 -4.00 -5.55
CA ILE A 16 -2.17 -2.72 -6.25
C ILE A 16 -3.24 -1.88 -5.55
N THR A 17 -3.01 -0.58 -5.45
CA THR A 17 -3.75 0.27 -4.53
C THR A 17 -3.90 1.70 -5.06
N ARG A 18 -4.86 2.44 -4.49
CA ARG A 18 -4.94 3.90 -4.62
C ARG A 18 -5.20 4.45 -3.23
N PHE A 19 -4.57 5.56 -2.84
CA PHE A 19 -4.87 6.19 -1.57
C PHE A 19 -4.65 7.68 -1.72
N ALA A 20 -5.65 8.43 -1.30
CA ALA A 20 -5.52 9.87 -1.20
C ALA A 20 -4.57 10.20 -0.06
N VAL A 21 -4.21 11.48 0.05
CA VAL A 21 -3.50 12.00 1.23
C VAL A 21 -4.55 12.05 2.36
N ASN A 22 -4.88 10.88 2.93
CA ASN A 22 -6.02 10.68 3.82
C ASN A 22 -5.77 9.65 4.94
N GLY A 23 -4.59 9.00 4.96
CA GLY A 23 -4.22 8.07 6.02
C GLY A 23 -4.93 6.71 5.99
N LYS A 24 -5.70 6.40 4.96
CA LYS A 24 -6.30 5.08 4.71
C LYS A 24 -6.09 4.76 3.25
N PHE A 25 -6.10 3.49 2.86
CA PHE A 25 -6.14 3.22 1.44
C PHE A 25 -7.57 3.43 1.03
N VAL A 26 -7.79 4.21 -0.03
CA VAL A 26 -9.13 4.57 -0.45
C VAL A 26 -9.60 3.61 -1.55
N TYR A 27 -8.68 2.76 -2.03
CA TYR A 27 -8.97 1.60 -2.85
C TYR A 27 -7.85 0.58 -2.65
N VAL A 28 -8.18 -0.71 -2.69
CA VAL A 28 -7.19 -1.76 -2.78
C VAL A 28 -7.76 -2.91 -3.61
N ASP A 29 -6.86 -3.64 -4.26
CA ASP A 29 -7.14 -4.80 -5.09
C ASP A 29 -7.34 -6.08 -4.29
N GLN A 30 -7.98 -7.10 -4.87
CA GLN A 30 -8.21 -8.41 -4.24
C GLN A 30 -6.93 -9.21 -3.95
N ARG A 31 -5.79 -8.93 -4.60
CA ARG A 31 -4.57 -9.53 -4.07
C ARG A 31 -4.28 -8.98 -2.68
N ALA A 32 -4.90 -7.89 -2.19
CA ALA A 32 -4.85 -7.60 -0.75
C ALA A 32 -5.36 -8.80 0.08
N THR A 33 -6.42 -9.47 -0.40
CA THR A 33 -6.92 -10.72 0.14
C THR A 33 -5.97 -11.88 -0.14
N ALA A 34 -5.08 -11.76 -1.13
CA ALA A 34 -4.11 -12.82 -1.39
C ALA A 34 -2.79 -12.64 -0.60
N ILE A 35 -2.41 -11.42 -0.28
CA ILE A 35 -1.10 -11.08 0.28
C ILE A 35 -1.13 -11.09 1.79
N LEU A 36 -2.12 -10.43 2.35
CA LEU A 36 -2.21 -10.10 3.77
C LEU A 36 -3.58 -10.54 4.27
N GLY A 37 -4.19 -11.45 3.51
CA GLY A 37 -5.55 -11.95 3.57
C GLY A 37 -6.58 -11.12 4.35
N TYR A 38 -6.66 -9.82 4.04
CA TYR A 38 -7.67 -8.90 4.55
C TYR A 38 -8.23 -8.23 3.31
N LEU A 39 -9.55 -8.10 3.31
CA LEU A 39 -10.32 -7.75 2.13
C LEU A 39 -9.86 -6.44 1.52
N PRO A 40 -10.31 -6.27 0.27
CA PRO A 40 -10.89 -4.94 -0.09
C PRO A 40 -12.14 -4.43 0.69
N GLN A 41 -12.05 -4.39 2.02
CA GLN A 41 -12.89 -3.62 2.96
C GLN A 41 -12.19 -3.53 4.31
N GLU A 42 -11.40 -4.56 4.68
CA GLU A 42 -10.52 -4.46 5.83
C GLU A 42 -9.35 -3.52 5.52
N LEU A 43 -8.82 -3.55 4.30
CA LEU A 43 -7.76 -2.61 3.85
C LEU A 43 -8.33 -1.39 3.12
N LEU A 44 -9.66 -1.21 3.09
CA LEU A 44 -10.27 -0.23 2.19
C LEU A 44 -11.15 0.71 3.00
N GLY A 45 -10.72 1.96 3.10
CA GLY A 45 -11.36 2.96 3.95
C GLY A 45 -10.89 2.90 5.39
N THR A 46 -9.74 2.27 5.64
CA THR A 46 -9.24 1.88 6.95
C THR A 46 -7.76 2.28 7.11
N SER A 47 -7.37 2.64 8.33
CA SER A 47 -6.13 3.30 8.66
C SER A 47 -4.83 2.59 8.26
N CYS A 48 -4.20 3.11 7.19
CA CYS A 48 -2.85 2.75 6.84
C CYS A 48 -1.92 2.90 8.05
N TYR A 49 -2.03 4.02 8.77
CA TYR A 49 -1.19 4.31 9.93
C TYR A 49 -1.64 3.58 11.21
N GLU A 50 -2.35 2.45 11.06
CA GLU A 50 -2.63 1.50 12.14
C GLU A 50 -2.20 0.12 11.66
N TYR A 51 -2.32 -0.17 10.35
CA TYR A 51 -1.73 -1.38 9.76
C TYR A 51 -0.20 -1.28 9.60
N PHE A 52 0.43 -0.17 9.96
CA PHE A 52 1.87 0.02 9.90
C PHE A 52 2.49 -0.52 11.19
N HIS A 53 3.78 -0.83 11.17
CA HIS A 53 4.48 -1.31 12.36
C HIS A 53 4.84 -0.14 13.28
N GLN A 54 5.09 -0.42 14.56
CA GLN A 54 5.35 0.60 15.59
C GLN A 54 6.67 1.37 15.40
N ASP A 55 7.57 0.85 14.56
CA ASP A 55 8.84 1.44 14.18
C ASP A 55 8.97 1.08 12.70
N ASP A 56 9.04 2.09 11.81
CA ASP A 56 8.85 2.05 10.37
C ASP A 56 7.71 3.04 10.09
N HIS A 57 6.88 3.33 11.08
CA HIS A 57 5.88 4.39 11.09
C HIS A 57 6.39 5.71 10.51
N ASN A 58 7.55 6.19 10.97
CA ASN A 58 8.09 7.45 10.47
C ASN A 58 8.53 7.20 9.05
N ASN A 59 9.14 6.04 8.79
CA ASN A 59 9.69 5.78 7.49
C ASN A 59 8.56 5.79 6.44
N LEU A 60 7.48 5.08 6.74
CA LEU A 60 6.23 5.00 5.98
C LEU A 60 5.71 6.40 5.73
N THR A 61 5.64 7.21 6.77
CA THR A 61 5.02 8.54 6.73
C THR A 61 5.95 9.53 5.99
N ASP A 62 7.25 9.26 6.01
CA ASP A 62 8.24 10.10 5.36
C ASP A 62 8.24 9.79 3.86
N LYS A 63 7.93 8.53 3.51
CA LYS A 63 7.72 8.09 2.13
C LYS A 63 6.39 8.55 1.64
N HIS A 64 5.33 8.42 2.43
CA HIS A 64 4.04 8.71 1.89
C HIS A 64 4.02 10.23 1.67
N LYS A 65 4.60 11.07 2.56
CA LYS A 65 4.76 12.49 2.22
C LYS A 65 5.74 12.66 1.08
N ALA A 66 6.80 11.87 0.97
CA ALA A 66 7.74 12.03 -0.13
C ALA A 66 7.09 11.74 -1.48
N VAL A 67 6.00 10.97 -1.48
CA VAL A 67 5.36 10.44 -2.69
C VAL A 67 4.08 11.27 -2.96
N LEU A 68 3.63 12.06 -1.96
CA LEU A 68 2.65 13.17 -2.02
C LEU A 68 3.36 14.51 -2.30
N GLN A 69 4.66 14.57 -2.06
CA GLN A 69 5.47 15.80 -2.02
C GLN A 69 5.29 16.57 -3.33
N SER A 70 5.31 15.82 -4.44
CA SER A 70 5.05 16.26 -5.80
C SER A 70 3.70 15.68 -6.26
N LYS A 71 3.30 15.85 -7.53
CA LYS A 71 1.95 15.52 -7.97
C LYS A 71 2.00 14.46 -9.06
N GLU A 72 3.20 13.95 -9.38
CA GLU A 72 3.39 13.12 -10.55
C GLU A 72 4.72 12.33 -10.51
N LYS A 73 5.18 11.86 -9.35
CA LYS A 73 6.43 11.10 -9.30
C LYS A 73 6.36 9.95 -8.35
N ILE A 74 7.31 9.05 -8.53
CA ILE A 74 7.36 7.72 -7.97
C ILE A 74 8.51 7.60 -6.98
N LEU A 75 8.26 6.87 -5.90
CA LEU A 75 9.27 6.42 -4.95
C LEU A 75 9.07 4.95 -4.67
N THR A 76 10.17 4.22 -4.49
CA THR A 76 10.21 2.82 -4.15
C THR A 76 11.10 2.67 -2.92
N ASP A 77 10.61 1.99 -1.89
CA ASP A 77 11.33 1.74 -0.63
C ASP A 77 10.72 0.52 0.08
N SER A 78 11.17 0.24 1.29
CA SER A 78 10.65 -0.78 2.18
C SER A 78 9.69 -0.16 3.20
N TYR A 79 8.76 -0.96 3.70
CA TYR A 79 7.81 -0.64 4.76
C TYR A 79 7.54 -1.91 5.50
N LYS A 80 6.95 -1.78 6.67
CA LYS A 80 6.79 -2.84 7.63
C LYS A 80 5.34 -2.69 7.99
N PHE A 81 4.55 -3.67 7.55
CA PHE A 81 3.11 -3.52 7.46
C PHE A 81 2.43 -4.82 7.87
N ARG A 82 1.13 -4.77 8.18
CA ARG A 82 0.49 -5.92 8.83
C ARG A 82 -1.00 -6.11 8.50
N ALA A 83 -1.23 -7.30 7.93
CA ALA A 83 -2.39 -8.09 7.61
C ALA A 83 -3.42 -8.30 8.70
N LYS A 84 -4.54 -8.82 8.19
CA LYS A 84 -5.72 -9.41 8.85
C LYS A 84 -5.58 -9.55 10.37
N ASP A 85 -4.91 -10.62 10.82
CA ASP A 85 -4.86 -11.04 12.22
C ASP A 85 -3.48 -11.64 12.53
N GLY A 86 -2.49 -11.37 11.67
CA GLY A 86 -1.22 -12.08 11.76
C GLY A 86 -0.05 -11.52 10.99
N SER A 87 0.02 -11.77 9.68
CA SER A 87 1.21 -11.52 8.87
C SER A 87 1.79 -10.14 9.16
N PHE A 88 3.02 -10.08 9.64
CA PHE A 88 3.71 -8.90 10.15
C PHE A 88 4.96 -8.96 9.30
N VAL A 89 4.86 -8.29 8.16
CA VAL A 89 5.72 -8.54 7.02
C VAL A 89 6.29 -7.25 6.43
N THR A 90 7.13 -7.38 5.40
CA THR A 90 7.90 -6.26 4.89
C THR A 90 7.29 -5.94 3.55
N LEU A 91 6.46 -4.92 3.50
CA LEU A 91 6.00 -4.41 2.22
C LEU A 91 7.21 -3.75 1.58
N LYS A 92 7.17 -3.63 0.27
CA LYS A 92 8.28 -3.27 -0.58
C LYS A 92 7.46 -2.83 -1.77
N SER A 93 7.35 -1.53 -1.97
CA SER A 93 6.29 -1.02 -2.82
C SER A 93 6.71 0.26 -3.50
N GLN A 94 6.01 0.58 -4.58
CA GLN A 94 6.32 1.65 -5.50
C GLN A 94 5.04 2.46 -5.59
N TRP A 95 5.08 3.73 -5.20
CA TRP A 95 3.89 4.56 -5.15
C TRP A 95 4.17 5.83 -5.93
N PHE A 96 3.19 6.37 -6.63
CA PHE A 96 3.33 7.46 -7.55
C PHE A 96 2.15 8.40 -7.35
N SER A 97 2.44 9.68 -7.15
CA SER A 97 1.42 10.69 -7.02
C SER A 97 0.60 10.76 -8.33
N PHE A 98 -0.66 11.20 -8.19
CA PHE A 98 -1.63 11.28 -9.25
C PHE A 98 -2.31 12.63 -9.13
N THR A 99 -2.49 13.29 -10.27
CA THR A 99 -2.98 14.65 -10.33
C THR A 99 -4.28 14.69 -11.13
N ASN A 100 -5.11 15.68 -10.77
CA ASN A 100 -6.28 16.10 -11.51
C ASN A 100 -5.82 16.61 -12.89
N PRO A 101 -6.75 17.07 -13.74
CA PRO A 101 -6.32 18.20 -14.60
C PRO A 101 -7.43 19.21 -14.99
N ASP A 102 -8.65 19.14 -14.43
CA ASP A 102 -9.42 20.38 -14.21
C ASP A 102 -8.70 21.39 -13.32
N THR A 103 -7.90 20.92 -12.35
CA THR A 103 -7.17 21.80 -11.46
C THR A 103 -5.65 21.54 -11.47
N LYS A 104 -5.27 20.32 -11.89
CA LYS A 104 -3.90 19.80 -11.81
C LYS A 104 -3.35 19.84 -10.38
N GLU A 105 -4.21 19.66 -9.38
CA GLU A 105 -3.79 19.45 -7.99
C GLU A 105 -3.28 18.04 -7.81
N LEU A 106 -2.48 17.80 -6.78
CA LEU A 106 -2.19 16.45 -6.33
C LEU A 106 -3.50 16.01 -5.69
N GLU A 107 -4.07 14.95 -6.24
CA GLU A 107 -5.41 14.51 -5.93
C GLU A 107 -5.35 13.13 -5.24
N TYR A 108 -4.45 12.22 -5.65
CA TYR A 108 -4.19 10.98 -4.90
C TYR A 108 -2.78 10.51 -5.10
N ILE A 109 -2.51 9.35 -4.54
CA ILE A 109 -1.37 8.54 -4.85
C ILE A 109 -1.99 7.22 -5.29
N VAL A 110 -1.27 6.56 -6.16
CA VAL A 110 -1.59 5.26 -6.75
C VAL A 110 -0.30 4.44 -6.70
N SER A 111 -0.40 3.11 -6.65
CA SER A 111 0.78 2.33 -6.33
C SER A 111 0.64 0.84 -6.59
N VAL A 112 1.76 0.14 -6.51
CA VAL A 112 1.81 -1.31 -6.49
C VAL A 112 2.74 -1.71 -5.38
N ASN A 113 2.43 -2.83 -4.72
CA ASN A 113 2.99 -3.17 -3.45
C ASN A 113 3.26 -4.63 -3.51
N THR A 114 4.32 -4.99 -2.84
CA THR A 114 4.75 -6.36 -2.79
C THR A 114 5.25 -6.63 -1.38
N LEU A 115 5.66 -7.84 -1.05
CA LEU A 115 6.41 -8.07 0.17
C LEU A 115 7.61 -9.00 -0.05
N VAL A 116 8.48 -9.05 0.95
CA VAL A 116 9.55 -10.03 1.06
C VAL A 116 8.98 -11.15 1.94
N LEU A 117 9.26 -12.41 1.58
CA LEU A 117 8.84 -13.60 2.33
C LEU A 117 9.85 -14.70 2.00
N GLY A 118 10.33 -15.42 3.02
CA GLY A 118 11.32 -16.47 2.86
C GLY A 118 11.89 -16.90 4.22
N HIS A 119 12.89 -17.78 4.19
CA HIS A 119 13.66 -18.23 5.35
C HIS A 119 15.09 -18.51 4.93
N SER A 120 16.00 -18.68 5.90
CA SER A 120 17.39 -19.05 5.68
C SER A 120 17.50 -20.39 4.92
N GLU A 121 18.57 -20.55 4.14
CA GLU A 121 18.94 -21.82 3.53
C GLU A 121 19.22 -22.85 4.63
N ASN A 4 -13.66 -24.00 5.72
CA ASN A 4 -14.07 -22.87 6.60
C ASN A 4 -13.02 -21.76 6.58
N SER A 5 -13.37 -20.54 6.16
CA SER A 5 -12.48 -19.40 6.01
C SER A 5 -11.24 -19.69 5.15
N GLY A 6 -11.37 -20.54 4.12
CA GLY A 6 -10.28 -20.96 3.26
C GLY A 6 -10.77 -21.60 1.95
N GLU A 7 -11.89 -21.09 1.42
CA GLU A 7 -12.59 -21.70 0.29
C GLU A 7 -11.97 -21.28 -1.05
N ILE A 8 -11.04 -20.33 -1.05
CA ILE A 8 -10.33 -19.83 -2.24
C ILE A 8 -8.93 -19.36 -1.77
N ASN A 9 -8.07 -18.98 -2.73
CA ASN A 9 -6.69 -18.53 -2.47
C ASN A 9 -6.26 -17.38 -3.36
N VAL A 10 -6.90 -17.19 -4.53
CA VAL A 10 -6.64 -16.12 -5.50
C VAL A 10 -5.24 -16.26 -6.13
N LYS A 11 -4.21 -15.83 -5.40
CA LYS A 11 -2.78 -15.75 -5.79
C LYS A 11 -2.53 -14.83 -6.97
N PRO A 12 -1.28 -14.37 -7.18
CA PRO A 12 -0.10 -14.33 -6.31
C PRO A 12 -0.21 -13.24 -5.24
N THR A 13 0.95 -12.84 -4.75
CA THR A 13 1.23 -12.43 -3.39
C THR A 13 1.90 -11.03 -3.50
N GLU A 14 1.20 -10.17 -4.24
CA GLU A 14 1.42 -8.74 -4.49
C GLU A 14 0.07 -8.05 -4.31
N PHE A 15 -0.02 -6.73 -4.29
CA PHE A 15 -1.32 -6.04 -4.38
C PHE A 15 -1.13 -4.67 -5.05
N ILE A 16 -2.22 -4.04 -5.47
CA ILE A 16 -2.23 -2.75 -6.16
C ILE A 16 -3.32 -1.92 -5.47
N THR A 17 -3.12 -0.62 -5.37
CA THR A 17 -3.92 0.23 -4.48
C THR A 17 -3.93 1.70 -4.92
N ARG A 18 -4.84 2.46 -4.32
CA ARG A 18 -4.83 3.94 -4.34
C ARG A 18 -5.03 4.41 -2.90
N PHE A 19 -4.42 5.53 -2.51
CA PHE A 19 -4.45 6.03 -1.15
C PHE A 19 -4.60 7.51 -1.32
N ALA A 20 -5.61 8.10 -0.70
CA ALA A 20 -5.69 9.55 -0.64
C ALA A 20 -4.74 10.01 0.47
N VAL A 21 -4.38 11.28 0.47
CA VAL A 21 -3.46 11.82 1.49
C VAL A 21 -4.11 11.94 2.89
N ASN A 22 -5.36 11.47 3.02
CA ASN A 22 -6.09 11.29 4.29
C ASN A 22 -5.41 10.31 5.27
N GLY A 23 -4.43 9.50 4.83
CA GLY A 23 -3.81 8.49 5.68
C GLY A 23 -4.49 7.13 5.63
N LYS A 24 -5.40 6.89 4.67
CA LYS A 24 -6.07 5.61 4.47
C LYS A 24 -5.91 5.15 3.05
N PHE A 25 -5.92 3.83 2.82
CA PHE A 25 -6.07 3.38 1.45
C PHE A 25 -7.50 3.72 1.10
N VAL A 26 -7.72 4.18 -0.12
CA VAL A 26 -9.04 4.62 -0.58
C VAL A 26 -9.49 3.73 -1.75
N TYR A 27 -8.59 2.89 -2.26
CA TYR A 27 -8.95 1.77 -3.13
C TYR A 27 -7.89 0.70 -2.91
N VAL A 28 -8.27 -0.58 -2.98
CA VAL A 28 -7.38 -1.69 -2.72
C VAL A 28 -7.85 -2.83 -3.64
N ASP A 29 -6.93 -3.61 -4.18
CA ASP A 29 -7.24 -4.71 -5.09
C ASP A 29 -7.35 -6.05 -4.37
N GLN A 30 -8.07 -7.03 -4.93
CA GLN A 30 -8.25 -8.38 -4.37
C GLN A 30 -6.95 -9.21 -4.25
N ARG A 31 -5.88 -8.88 -4.97
CA ARG A 31 -4.60 -9.50 -4.63
C ARG A 31 -4.19 -9.08 -3.21
N ALA A 32 -4.70 -7.97 -2.64
CA ALA A 32 -4.54 -7.74 -1.20
C ALA A 32 -5.17 -8.87 -0.36
N THR A 33 -6.30 -9.42 -0.80
CA THR A 33 -6.91 -10.62 -0.22
C THR A 33 -6.04 -11.87 -0.50
N ALA A 34 -5.19 -11.87 -1.53
CA ALA A 34 -4.32 -13.02 -1.76
C ALA A 34 -3.06 -12.99 -0.88
N ILE A 35 -2.41 -11.83 -0.79
CA ILE A 35 -1.11 -11.59 -0.17
C ILE A 35 -1.21 -11.60 1.35
N LEU A 36 -1.43 -10.43 1.94
CA LEU A 36 -1.56 -10.27 3.37
C LEU A 36 -2.95 -10.77 3.81
N GLY A 37 -3.90 -10.87 2.88
CA GLY A 37 -5.16 -11.55 3.10
C GLY A 37 -6.23 -10.78 3.87
N TYR A 38 -6.08 -9.46 4.03
CA TYR A 38 -7.18 -8.64 4.54
C TYR A 38 -7.81 -8.03 3.32
N LEU A 39 -9.13 -7.93 3.34
CA LEU A 39 -9.88 -7.59 2.15
C LEU A 39 -9.48 -6.20 1.64
N PRO A 40 -9.92 -6.01 0.40
CA PRO A 40 -10.55 -4.69 0.10
C PRO A 40 -11.83 -4.29 0.88
N GLN A 41 -11.78 -4.33 2.21
CA GLN A 41 -12.66 -3.62 3.15
C GLN A 41 -11.96 -3.52 4.50
N GLU A 42 -11.11 -4.52 4.83
CA GLU A 42 -10.23 -4.41 5.99
C GLU A 42 -9.10 -3.41 5.72
N LEU A 43 -8.80 -3.18 4.44
CA LEU A 43 -7.81 -2.17 4.04
C LEU A 43 -8.51 -1.00 3.38
N LEU A 44 -9.55 -1.26 2.57
CA LEU A 44 -10.21 -0.24 1.78
C LEU A 44 -10.95 0.72 2.71
N GLY A 45 -10.57 2.00 2.70
CA GLY A 45 -11.16 3.00 3.57
C GLY A 45 -10.68 2.92 5.00
N THR A 46 -9.46 2.41 5.21
CA THR A 46 -8.95 2.04 6.54
C THR A 46 -7.53 2.58 6.70
N SER A 47 -7.13 2.84 7.94
CA SER A 47 -5.93 3.60 8.28
C SER A 47 -4.61 2.91 7.96
N CYS A 48 -3.92 3.47 6.96
CA CYS A 48 -2.54 3.21 6.59
C CYS A 48 -1.53 3.46 7.71
N TYR A 49 -1.98 3.99 8.85
CA TYR A 49 -1.17 4.33 9.99
C TYR A 49 -1.61 3.47 11.21
N GLU A 50 -2.47 2.46 11.01
CA GLU A 50 -3.01 1.63 12.08
C GLU A 50 -2.92 0.14 11.74
N TYR A 51 -3.19 -0.27 10.48
CA TYR A 51 -2.88 -1.65 10.04
C TYR A 51 -1.37 -1.78 9.70
N PHE A 52 -0.58 -0.78 10.10
CA PHE A 52 0.79 -0.55 9.75
C PHE A 52 1.58 -0.39 11.05
N HIS A 53 2.85 -0.81 11.09
CA HIS A 53 3.57 -0.89 12.36
C HIS A 53 4.08 0.47 12.83
N GLN A 54 4.09 0.69 14.14
CA GLN A 54 4.75 1.84 14.75
C GLN A 54 6.28 1.72 14.59
N ASP A 55 6.99 2.85 14.72
CA ASP A 55 8.44 2.98 14.54
C ASP A 55 8.87 2.48 13.16
N ASP A 56 8.16 2.97 12.15
CA ASP A 56 8.20 2.69 10.72
C ASP A 56 6.96 3.38 10.13
N HIS A 57 5.92 3.63 10.93
CA HIS A 57 4.80 4.50 10.60
C HIS A 57 5.29 5.88 10.15
N ASN A 58 6.36 6.41 10.77
CA ASN A 58 6.96 7.65 10.29
C ASN A 58 7.62 7.37 8.95
N ASN A 59 8.31 6.23 8.83
CA ASN A 59 9.03 5.93 7.61
C ASN A 59 8.03 5.96 6.44
N LEU A 60 6.93 5.22 6.60
CA LEU A 60 5.79 5.17 5.72
C LEU A 60 5.34 6.58 5.41
N THR A 61 4.99 7.35 6.43
CA THR A 61 4.37 8.65 6.27
C THR A 61 5.33 9.60 5.54
N ASP A 62 6.63 9.45 5.78
CA ASP A 62 7.67 10.31 5.25
C ASP A 62 7.84 9.98 3.77
N LYS A 63 7.79 8.70 3.44
CA LYS A 63 7.72 8.23 2.07
C LYS A 63 6.44 8.66 1.41
N HIS A 64 5.33 8.68 2.14
CA HIS A 64 4.04 8.86 1.54
C HIS A 64 3.90 10.29 1.10
N LYS A 65 4.44 11.22 1.89
CA LYS A 65 4.61 12.60 1.40
C LYS A 65 5.72 12.67 0.39
N ALA A 66 6.76 11.83 0.48
CA ALA A 66 7.81 11.90 -0.51
C ALA A 66 7.28 11.55 -1.90
N VAL A 67 6.20 10.75 -2.01
CA VAL A 67 5.45 10.54 -3.23
C VAL A 67 4.54 11.78 -3.45
N LEU A 68 3.76 12.19 -2.43
CA LEU A 68 2.73 13.23 -2.55
C LEU A 68 3.27 14.63 -2.83
N GLN A 69 4.52 14.89 -2.46
CA GLN A 69 5.17 16.20 -2.58
C GLN A 69 5.18 16.60 -4.06
N SER A 70 5.43 15.60 -4.94
CA SER A 70 5.38 15.67 -6.39
C SER A 70 3.92 15.61 -6.87
N LYS A 71 3.66 15.56 -8.18
CA LYS A 71 2.31 15.46 -8.75
C LYS A 71 2.35 14.46 -9.89
N GLU A 72 3.42 13.65 -10.01
CA GLU A 72 3.66 12.83 -11.18
C GLU A 72 4.78 11.80 -10.98
N LYS A 73 5.19 11.42 -9.76
CA LYS A 73 6.43 10.67 -9.58
C LYS A 73 6.31 9.57 -8.58
N ILE A 74 7.27 8.66 -8.72
CA ILE A 74 7.32 7.35 -8.18
C ILE A 74 8.54 7.18 -7.28
N LEU A 75 8.34 6.50 -6.15
CA LEU A 75 9.36 6.09 -5.21
C LEU A 75 9.24 4.59 -5.01
N THR A 76 10.38 3.96 -4.68
CA THR A 76 10.47 2.53 -4.43
C THR A 76 11.26 2.37 -3.13
N ASP A 77 10.62 1.79 -2.10
CA ASP A 77 11.17 1.73 -0.74
C ASP A 77 10.55 0.54 0.02
N SER A 78 10.90 0.39 1.31
CA SER A 78 10.43 -0.66 2.21
C SER A 78 9.53 -0.07 3.29
N TYR A 79 8.57 -0.87 3.78
CA TYR A 79 7.57 -0.45 4.74
C TYR A 79 7.21 -1.67 5.56
N LYS A 80 6.77 -1.43 6.78
CA LYS A 80 6.60 -2.47 7.76
C LYS A 80 5.12 -2.48 8.11
N PHE A 81 4.43 -3.35 7.42
CA PHE A 81 3.00 -3.42 7.35
C PHE A 81 2.59 -4.67 8.14
N ARG A 82 1.32 -5.01 8.23
CA ARG A 82 0.96 -6.37 8.65
C ARG A 82 0.17 -7.17 7.63
N ALA A 83 -0.83 -7.94 8.00
CA ALA A 83 -1.53 -8.92 7.21
C ALA A 83 -2.71 -9.37 8.07
N LYS A 84 -3.72 -10.00 7.48
CA LYS A 84 -4.94 -10.46 8.16
C LYS A 84 -4.60 -11.28 9.40
N ASP A 85 -3.75 -12.29 9.24
CA ASP A 85 -3.40 -13.22 10.30
C ASP A 85 -1.88 -13.33 10.38
N GLY A 86 -1.18 -12.25 10.00
CA GLY A 86 0.27 -12.19 9.99
C GLY A 86 0.67 -10.91 10.71
N SER A 87 1.12 -11.07 11.95
CA SER A 87 1.36 -9.98 12.90
C SER A 87 2.26 -8.88 12.35
N PHE A 88 3.17 -9.20 11.42
CA PHE A 88 3.91 -8.21 10.65
C PHE A 88 4.25 -8.83 9.29
N VAL A 89 4.16 -8.01 8.24
CA VAL A 89 4.70 -8.37 6.93
C VAL A 89 5.44 -7.14 6.35
N THR A 90 6.57 -7.34 5.69
CA THR A 90 7.33 -6.23 5.10
C THR A 90 6.72 -5.96 3.74
N LEU A 91 6.19 -4.77 3.49
CA LEU A 91 5.83 -4.35 2.14
C LEU A 91 7.06 -3.71 1.52
N LYS A 92 7.07 -3.62 0.21
CA LYS A 92 8.22 -3.31 -0.59
C LYS A 92 7.49 -2.95 -1.87
N SER A 93 7.48 -1.67 -2.23
CA SER A 93 6.47 -1.21 -3.17
C SER A 93 6.94 -0.09 -4.08
N GLN A 94 6.07 0.29 -5.01
CA GLN A 94 6.30 1.26 -6.07
C GLN A 94 5.08 2.18 -5.94
N TRP A 95 5.29 3.40 -5.47
CA TRP A 95 4.24 4.25 -4.99
C TRP A 95 4.37 5.60 -5.70
N PHE A 96 3.34 6.04 -6.42
CA PHE A 96 3.40 7.16 -7.34
C PHE A 96 2.20 8.10 -7.22
N SER A 97 2.42 9.41 -7.34
CA SER A 97 1.42 10.43 -7.09
C SER A 97 0.34 10.46 -8.19
N PHE A 98 -0.83 11.01 -7.88
CA PHE A 98 -1.90 11.22 -8.86
C PHE A 98 -2.56 12.59 -8.63
N THR A 99 -2.86 13.27 -9.72
CA THR A 99 -3.20 14.68 -9.71
C THR A 99 -4.48 14.90 -10.51
N ASN A 100 -5.41 15.67 -9.95
CA ASN A 100 -6.57 16.22 -10.61
C ASN A 100 -6.04 17.01 -11.79
N PRO A 101 -6.78 17.09 -12.89
CA PRO A 101 -6.43 18.17 -13.82
C PRO A 101 -7.65 18.86 -14.44
N ASP A 102 -8.70 19.08 -13.63
CA ASP A 102 -9.36 20.38 -13.66
C ASP A 102 -8.49 21.46 -13.00
N THR A 103 -7.64 21.08 -12.03
CA THR A 103 -6.89 22.06 -11.24
C THR A 103 -5.37 21.86 -11.19
N LYS A 104 -4.89 20.65 -11.52
CA LYS A 104 -3.46 20.26 -11.45
C LYS A 104 -2.95 20.28 -10.01
N GLU A 105 -3.60 19.51 -9.13
CA GLU A 105 -3.18 19.35 -7.74
C GLU A 105 -3.19 17.88 -7.34
N LEU A 106 -2.29 17.50 -6.43
CA LEU A 106 -2.16 16.16 -5.90
C LEU A 106 -3.49 15.85 -5.23
N GLU A 107 -4.21 14.92 -5.82
CA GLU A 107 -5.56 14.58 -5.44
C GLU A 107 -5.63 13.20 -4.76
N TYR A 108 -4.69 12.29 -5.09
CA TYR A 108 -4.45 11.03 -4.37
C TYR A 108 -3.10 10.48 -4.81
N ILE A 109 -2.81 9.28 -4.35
CA ILE A 109 -1.63 8.51 -4.68
C ILE A 109 -2.14 7.15 -5.13
N VAL A 110 -1.29 6.46 -5.86
CA VAL A 110 -1.55 5.16 -6.47
C VAL A 110 -0.27 4.33 -6.31
N SER A 111 -0.39 3.02 -6.32
CA SER A 111 0.77 2.18 -6.07
C SER A 111 0.54 0.73 -6.43
N VAL A 112 1.65 0.01 -6.51
CA VAL A 112 1.66 -1.44 -6.56
C VAL A 112 2.74 -1.89 -5.62
N ASN A 113 2.48 -3.00 -4.92
CA ASN A 113 3.18 -3.34 -3.72
C ASN A 113 3.46 -4.81 -3.79
N THR A 114 4.47 -5.22 -3.05
CA THR A 114 4.77 -6.62 -2.88
C THR A 114 5.10 -6.82 -1.42
N LEU A 115 5.35 -8.06 -0.99
CA LEU A 115 5.75 -8.31 0.38
C LEU A 115 6.86 -9.35 0.47
N VAL A 116 7.58 -9.29 1.59
CA VAL A 116 8.61 -10.22 2.00
C VAL A 116 8.39 -10.45 3.51
N LEU A 117 8.82 -11.60 4.03
CA LEU A 117 8.55 -12.01 5.41
C LEU A 117 9.78 -12.72 5.95
N GLY A 118 10.35 -12.16 7.01
CA GLY A 118 11.53 -12.66 7.69
C GLY A 118 12.03 -11.66 8.73
N HIS A 119 13.08 -12.02 9.47
CA HIS A 119 13.63 -11.22 10.57
C HIS A 119 15.16 -11.15 10.53
N SER A 120 15.79 -11.70 9.49
CA SER A 120 17.25 -11.73 9.34
C SER A 120 17.84 -10.33 9.14
N GLU A 121 17.04 -9.36 8.71
CA GLU A 121 17.41 -7.96 8.48
C GLU A 121 16.22 -7.11 8.91
N ASN A 4 3.85 -26.16 0.03
CA ASN A 4 3.60 -27.29 -0.90
C ASN A 4 3.98 -26.94 -2.33
N SER A 5 4.19 -27.98 -3.16
CA SER A 5 4.65 -27.82 -4.54
C SER A 5 3.66 -26.97 -5.36
N GLY A 6 4.21 -26.19 -6.28
CA GLY A 6 3.49 -25.48 -7.30
C GLY A 6 4.44 -24.93 -8.37
N GLU A 7 3.88 -24.64 -9.55
CA GLU A 7 4.63 -24.20 -10.73
C GLU A 7 3.99 -22.93 -11.34
N ILE A 8 3.09 -22.28 -10.60
CA ILE A 8 2.39 -21.05 -10.99
C ILE A 8 2.04 -20.32 -9.68
N ASN A 9 1.73 -19.02 -9.76
CA ASN A 9 1.23 -18.28 -8.59
C ASN A 9 0.31 -17.13 -9.04
N VAL A 10 -0.65 -17.42 -9.92
CA VAL A 10 -1.64 -16.43 -10.36
C VAL A 10 -2.69 -16.23 -9.28
N LYS A 11 -2.37 -15.39 -8.29
CA LYS A 11 -3.30 -14.93 -7.25
C LYS A 11 -2.93 -13.54 -6.77
N PRO A 12 -1.73 -13.08 -7.16
CA PRO A 12 -0.46 -13.55 -6.61
C PRO A 12 -0.41 -13.30 -5.08
N THR A 13 0.52 -12.47 -4.61
CA THR A 13 0.92 -12.26 -3.21
C THR A 13 1.67 -10.91 -3.24
N GLU A 14 0.98 -9.91 -3.82
CA GLU A 14 1.36 -8.52 -4.01
C GLU A 14 0.04 -7.76 -3.84
N PHE A 15 0.05 -6.43 -3.69
CA PHE A 15 -1.20 -5.68 -3.80
C PHE A 15 -0.98 -4.37 -4.51
N ILE A 16 -2.06 -3.80 -5.02
CA ILE A 16 -2.07 -2.63 -5.86
C ILE A 16 -3.27 -1.85 -5.37
N THR A 17 -3.09 -0.55 -5.20
CA THR A 17 -4.01 0.26 -4.42
C THR A 17 -4.07 1.70 -4.92
N ARG A 18 -5.07 2.44 -4.44
CA ARG A 18 -5.07 3.92 -4.52
C ARG A 18 -5.29 4.37 -3.10
N PHE A 19 -4.55 5.37 -2.63
CA PHE A 19 -4.52 5.69 -1.21
C PHE A 19 -4.31 7.18 -1.19
N ALA A 20 -5.22 7.92 -0.58
CA ALA A 20 -5.11 9.36 -0.64
C ALA A 20 -4.14 9.82 0.45
N VAL A 21 -3.76 11.10 0.35
CA VAL A 21 -3.04 11.79 1.44
C VAL A 21 -3.76 11.63 2.81
N ASN A 22 -5.05 11.27 2.81
CA ASN A 22 -5.81 10.85 4.00
C ASN A 22 -5.17 9.70 4.80
N GLY A 23 -4.23 8.94 4.23
CA GLY A 23 -3.59 7.83 4.93
C GLY A 23 -4.46 6.58 4.99
N LYS A 24 -5.45 6.42 4.10
CA LYS A 24 -6.20 5.18 3.93
C LYS A 24 -6.12 4.72 2.49
N PHE A 25 -6.22 3.41 2.26
CA PHE A 25 -6.35 2.88 0.91
C PHE A 25 -7.77 3.12 0.46
N VAL A 26 -8.01 4.27 -0.17
CA VAL A 26 -9.34 4.62 -0.67
C VAL A 26 -9.79 3.69 -1.82
N TYR A 27 -8.86 2.88 -2.36
CA TYR A 27 -9.17 1.75 -3.22
C TYR A 27 -8.15 0.67 -2.91
N VAL A 28 -8.53 -0.61 -3.00
CA VAL A 28 -7.63 -1.73 -2.81
C VAL A 28 -8.03 -2.82 -3.82
N ASP A 29 -7.04 -3.50 -4.41
CA ASP A 29 -7.27 -4.64 -5.29
C ASP A 29 -7.34 -5.94 -4.49
N GLN A 30 -8.08 -6.94 -4.98
CA GLN A 30 -8.18 -8.29 -4.41
C GLN A 30 -6.83 -9.04 -4.32
N ARG A 31 -5.76 -8.59 -5.00
CA ARG A 31 -4.44 -9.15 -4.68
C ARG A 31 -4.12 -8.88 -3.20
N ALA A 32 -4.66 -7.79 -2.62
CA ALA A 32 -4.61 -7.62 -1.15
C ALA A 32 -5.28 -8.76 -0.39
N THR A 33 -6.41 -9.29 -0.89
CA THR A 33 -7.04 -10.48 -0.33
C THR A 33 -6.15 -11.72 -0.53
N ALA A 34 -5.24 -11.72 -1.51
CA ALA A 34 -4.40 -12.88 -1.71
C ALA A 34 -3.17 -12.87 -0.78
N ILE A 35 -2.52 -11.70 -0.70
CA ILE A 35 -1.24 -11.48 -0.03
C ILE A 35 -1.38 -11.52 1.49
N LEU A 36 -1.73 -10.37 2.08
CA LEU A 36 -1.87 -10.24 3.51
C LEU A 36 -3.28 -10.67 3.90
N GLY A 37 -4.19 -10.80 2.94
CA GLY A 37 -5.49 -11.41 3.13
C GLY A 37 -6.52 -10.60 3.91
N TYR A 38 -6.32 -9.29 4.07
CA TYR A 38 -7.39 -8.44 4.57
C TYR A 38 -7.98 -7.83 3.30
N LEU A 39 -9.31 -7.79 3.26
CA LEU A 39 -10.03 -7.50 2.03
C LEU A 39 -9.66 -6.14 1.47
N PRO A 40 -10.13 -6.01 0.22
CA PRO A 40 -10.76 -4.71 -0.11
C PRO A 40 -12.04 -4.30 0.67
N GLN A 41 -11.98 -4.30 2.01
CA GLN A 41 -12.86 -3.57 2.94
C GLN A 41 -12.14 -3.47 4.28
N GLU A 42 -11.34 -4.49 4.65
CA GLU A 42 -10.47 -4.37 5.83
C GLU A 42 -9.33 -3.39 5.52
N LEU A 43 -9.00 -3.17 4.24
CA LEU A 43 -8.04 -2.14 3.83
C LEU A 43 -8.76 -0.98 3.17
N LEU A 44 -9.89 -1.24 2.51
CA LEU A 44 -10.54 -0.25 1.65
C LEU A 44 -11.27 0.75 2.53
N GLY A 45 -10.74 1.96 2.61
CA GLY A 45 -11.21 2.99 3.52
C GLY A 45 -10.60 2.86 4.92
N THR A 46 -9.41 2.26 5.03
CA THR A 46 -8.84 1.87 6.32
C THR A 46 -7.38 2.33 6.43
N SER A 47 -6.98 2.72 7.64
CA SER A 47 -5.74 3.41 7.97
C SER A 47 -4.48 2.62 7.64
N CYS A 48 -3.90 2.95 6.49
CA CYS A 48 -2.58 2.51 6.11
C CYS A 48 -1.59 2.84 7.23
N TYR A 49 -1.57 4.10 7.67
CA TYR A 49 -0.62 4.59 8.66
C TYR A 49 -1.09 4.34 10.11
N GLU A 50 -1.64 3.15 10.31
CA GLU A 50 -1.94 2.51 11.59
C GLU A 50 -1.67 1.02 11.40
N TYR A 51 -2.05 0.46 10.25
CA TYR A 51 -1.76 -0.91 9.81
C TYR A 51 -0.28 -1.18 9.47
N PHE A 52 0.59 -0.20 9.63
CA PHE A 52 2.02 -0.35 9.46
C PHE A 52 2.63 -1.03 10.70
N HIS A 53 3.79 -0.60 11.17
CA HIS A 53 4.50 -1.19 12.32
C HIS A 53 4.91 -0.07 13.30
N GLN A 54 5.32 -0.46 14.52
CA GLN A 54 5.80 0.46 15.56
C GLN A 54 7.04 1.27 15.16
N ASP A 55 7.82 0.75 14.21
CA ASP A 55 8.99 1.38 13.60
C ASP A 55 8.82 1.09 12.11
N ASP A 56 8.88 2.12 11.24
CA ASP A 56 8.50 2.17 9.83
C ASP A 56 7.52 3.32 9.68
N HIS A 57 6.81 3.71 10.76
CA HIS A 57 5.82 4.79 10.70
C HIS A 57 6.41 6.10 10.18
N ASN A 58 7.61 6.48 10.64
CA ASN A 58 8.22 7.71 10.14
C ASN A 58 8.65 7.48 8.73
N ASN A 59 9.19 6.30 8.45
CA ASN A 59 9.74 6.03 7.14
C ASN A 59 8.60 6.16 6.11
N LEU A 60 7.49 5.46 6.36
CA LEU A 60 6.27 5.45 5.57
C LEU A 60 5.73 6.86 5.36
N THR A 61 5.63 7.63 6.43
CA THR A 61 5.04 8.96 6.41
C THR A 61 5.98 9.94 5.70
N ASP A 62 7.29 9.79 5.85
CA ASP A 62 8.26 10.70 5.26
C ASP A 62 8.33 10.42 3.77
N LYS A 63 8.17 9.15 3.43
CA LYS A 63 8.19 8.68 2.07
C LYS A 63 6.93 9.02 1.35
N HIS A 64 5.77 8.82 1.95
CA HIS A 64 4.59 9.10 1.19
C HIS A 64 4.41 10.62 1.11
N LYS A 65 4.87 11.46 2.08
CA LYS A 65 4.91 12.90 1.75
C LYS A 65 5.89 13.08 0.62
N ALA A 66 6.98 12.35 0.60
CA ALA A 66 7.92 12.46 -0.51
C ALA A 66 7.26 12.07 -1.85
N VAL A 67 6.18 11.25 -1.84
CA VAL A 67 5.44 10.94 -3.06
C VAL A 67 4.47 12.11 -3.35
N LEU A 68 3.70 12.54 -2.33
CA LEU A 68 2.74 13.66 -2.33
C LEU A 68 3.39 15.04 -2.54
N GLN A 69 4.70 15.08 -2.37
CA GLN A 69 5.53 16.26 -2.55
C GLN A 69 5.34 16.74 -4.00
N SER A 70 5.25 15.76 -4.92
CA SER A 70 4.88 15.89 -6.33
C SER A 70 3.41 15.49 -6.49
N LYS A 71 2.83 15.58 -7.69
CA LYS A 71 1.42 15.25 -7.94
C LYS A 71 1.32 14.23 -9.07
N GLU A 72 2.46 13.73 -9.55
CA GLU A 72 2.53 12.91 -10.74
C GLU A 72 3.76 11.97 -10.78
N LYS A 73 4.45 11.69 -9.66
CA LYS A 73 5.75 10.99 -9.68
C LYS A 73 5.87 9.93 -8.62
N ILE A 74 6.87 9.06 -8.82
CA ILE A 74 7.04 7.77 -8.17
C ILE A 74 8.29 7.68 -7.29
N LEU A 75 8.14 7.04 -6.13
CA LEU A 75 9.22 6.70 -5.21
C LEU A 75 9.03 5.28 -4.71
N THR A 76 10.11 4.63 -4.29
CA THR A 76 10.08 3.27 -3.80
C THR A 76 11.06 3.14 -2.64
N ASP A 77 10.61 2.46 -1.59
CA ASP A 77 11.42 2.07 -0.43
C ASP A 77 10.87 0.76 0.19
N SER A 78 11.54 0.25 1.22
CA SER A 78 11.03 -0.82 2.07
C SER A 78 10.03 -0.23 3.08
N TYR A 79 9.10 -1.07 3.54
CA TYR A 79 8.11 -0.77 4.56
C TYR A 79 7.81 -2.01 5.34
N LYS A 80 6.94 -1.82 6.31
CA LYS A 80 6.57 -2.85 7.23
C LYS A 80 5.11 -2.63 7.56
N PHE A 81 4.35 -3.71 7.41
CA PHE A 81 2.89 -3.69 7.40
C PHE A 81 2.43 -4.96 8.08
N ARG A 82 1.16 -5.12 8.44
CA ARG A 82 0.71 -6.46 8.86
C ARG A 82 -0.13 -7.20 7.84
N ALA A 83 -1.20 -7.89 8.23
CA ALA A 83 -1.93 -8.84 7.42
C ALA A 83 -3.16 -9.23 8.24
N LYS A 84 -4.12 -9.92 7.63
CA LYS A 84 -5.33 -10.41 8.28
C LYS A 84 -5.01 -11.25 9.51
N ASP A 85 -4.07 -12.18 9.38
CA ASP A 85 -3.66 -13.04 10.50
C ASP A 85 -2.62 -12.35 11.40
N GLY A 86 -2.18 -11.14 11.05
CA GLY A 86 -1.12 -10.43 11.74
C GLY A 86 0.18 -10.66 10.99
N SER A 87 0.97 -11.62 11.46
CA SER A 87 2.24 -12.06 10.84
C SER A 87 3.34 -10.98 10.74
N PHE A 88 3.04 -9.71 11.05
CA PHE A 88 3.95 -8.56 11.04
C PHE A 88 4.86 -8.58 9.80
N VAL A 89 4.25 -8.31 8.65
CA VAL A 89 4.83 -8.48 7.34
C VAL A 89 5.88 -7.39 7.06
N THR A 90 6.80 -7.63 6.12
CA THR A 90 7.65 -6.59 5.57
C THR A 90 7.14 -6.37 4.15
N LEU A 91 6.95 -5.12 3.76
CA LEU A 91 6.39 -4.74 2.47
C LEU A 91 7.52 -4.04 1.73
N LYS A 92 7.40 -3.96 0.42
CA LYS A 92 8.40 -3.35 -0.43
C LYS A 92 7.53 -2.78 -1.53
N SER A 93 7.54 -1.47 -1.74
CA SER A 93 6.48 -0.84 -2.52
C SER A 93 6.96 0.33 -3.34
N GLN A 94 6.14 0.76 -4.28
CA GLN A 94 6.37 1.87 -5.18
C GLN A 94 5.06 2.66 -5.21
N TRP A 95 5.11 3.96 -4.94
CA TRP A 95 3.92 4.78 -4.85
C TRP A 95 4.11 6.01 -5.73
N PHE A 96 3.08 6.36 -6.50
CA PHE A 96 3.09 7.41 -7.49
C PHE A 96 1.91 8.33 -7.24
N SER A 97 2.18 9.61 -7.06
CA SER A 97 1.14 10.61 -6.86
C SER A 97 0.27 10.70 -8.12
N PHE A 98 -1.02 11.01 -7.94
CA PHE A 98 -2.02 11.09 -8.99
C PHE A 98 -2.80 12.38 -8.79
N THR A 99 -2.62 13.26 -9.75
CA THR A 99 -3.41 14.47 -9.89
C THR A 99 -4.76 14.11 -10.52
N ASN A 100 -5.77 14.94 -10.22
CA ASN A 100 -7.18 14.76 -10.63
C ASN A 100 -7.26 14.72 -12.17
N PRO A 101 -6.32 15.37 -12.86
CA PRO A 101 -6.32 16.82 -12.98
C PRO A 101 -7.61 17.34 -13.69
N ASP A 102 -8.72 17.45 -12.95
CA ASP A 102 -9.71 18.50 -13.23
C ASP A 102 -9.23 19.87 -12.76
N THR A 103 -8.34 19.87 -11.77
CA THR A 103 -7.92 21.06 -11.05
C THR A 103 -6.39 21.19 -10.95
N LYS A 104 -5.67 20.16 -11.44
CA LYS A 104 -4.23 19.96 -11.25
C LYS A 104 -3.84 19.87 -9.77
N GLU A 105 -4.72 19.40 -8.89
CA GLU A 105 -4.39 19.11 -7.50
C GLU A 105 -3.85 17.70 -7.38
N LEU A 106 -3.05 17.42 -6.35
CA LEU A 106 -2.73 16.06 -5.97
C LEU A 106 -4.01 15.58 -5.29
N GLU A 107 -4.66 14.63 -5.93
CA GLU A 107 -5.99 14.16 -5.55
C GLU A 107 -5.79 12.92 -4.65
N TYR A 108 -4.93 11.98 -5.06
CA TYR A 108 -4.55 10.84 -4.22
C TYR A 108 -3.25 10.25 -4.74
N ILE A 109 -2.74 9.23 -4.07
CA ILE A 109 -1.63 8.43 -4.55
C ILE A 109 -2.22 7.15 -5.13
N VAL A 110 -1.44 6.52 -5.99
CA VAL A 110 -1.71 5.22 -6.61
C VAL A 110 -0.42 4.43 -6.46
N SER A 111 -0.49 3.11 -6.32
CA SER A 111 0.70 2.39 -5.90
C SER A 111 0.60 0.89 -6.07
N VAL A 112 1.75 0.23 -5.99
CA VAL A 112 1.84 -1.21 -5.96
C VAL A 112 2.92 -1.64 -4.99
N ASN A 113 2.66 -2.76 -4.31
CA ASN A 113 3.31 -3.16 -3.10
C ASN A 113 3.54 -4.64 -3.25
N THR A 114 4.51 -5.16 -2.54
CA THR A 114 4.72 -6.58 -2.47
C THR A 114 5.18 -6.90 -1.06
N LEU A 115 5.34 -8.18 -0.70
CA LEU A 115 5.73 -8.53 0.66
C LEU A 115 6.79 -9.61 0.72
N VAL A 116 7.47 -9.64 1.85
CA VAL A 116 8.63 -10.44 2.18
C VAL A 116 8.54 -10.70 3.69
N LEU A 117 9.14 -11.80 4.18
CA LEU A 117 9.16 -12.09 5.62
C LEU A 117 10.02 -11.06 6.35
N GLY A 118 11.09 -10.58 5.70
CA GLY A 118 12.03 -9.60 6.22
C GLY A 118 13.18 -9.41 5.25
N HIS A 119 14.08 -8.46 5.54
CA HIS A 119 15.31 -8.26 4.78
C HIS A 119 16.27 -9.42 5.00
N SER A 120 17.20 -9.62 4.07
CA SER A 120 18.28 -10.59 4.19
C SER A 120 19.22 -10.22 5.34
N GLU A 121 19.98 -11.20 5.85
CA GLU A 121 21.00 -11.04 6.88
C GLU A 121 22.09 -12.08 6.59
N ASN A 4 17.29 -26.08 -11.80
CA ASN A 4 16.10 -26.49 -12.59
C ASN A 4 14.83 -25.91 -11.97
N SER A 5 14.01 -25.20 -12.77
CA SER A 5 12.76 -24.59 -12.33
C SER A 5 11.82 -25.65 -11.74
N GLY A 6 11.21 -25.33 -10.59
CA GLY A 6 10.33 -26.22 -9.85
C GLY A 6 9.57 -25.52 -8.73
N GLU A 7 9.24 -24.24 -8.92
CA GLU A 7 8.55 -23.39 -7.95
C GLU A 7 7.74 -22.36 -8.74
N ILE A 8 6.65 -21.84 -8.14
CA ILE A 8 5.80 -20.80 -8.69
C ILE A 8 5.21 -20.02 -7.51
N ASN A 9 4.52 -18.91 -7.77
CA ASN A 9 4.01 -17.99 -6.74
C ASN A 9 2.65 -17.39 -7.13
N VAL A 10 1.85 -18.13 -7.92
CA VAL A 10 0.52 -17.69 -8.32
C VAL A 10 -0.45 -17.76 -7.13
N LYS A 11 -0.50 -16.66 -6.38
CA LYS A 11 -1.51 -16.41 -5.35
C LYS A 11 -2.01 -14.99 -5.43
N PRO A 12 -1.22 -14.10 -6.05
CA PRO A 12 0.11 -13.74 -5.63
C PRO A 12 0.06 -13.00 -4.26
N THR A 13 1.15 -12.31 -3.94
CA THR A 13 1.55 -12.05 -2.56
C THR A 13 2.14 -10.63 -2.58
N GLU A 14 1.33 -9.78 -3.20
CA GLU A 14 1.49 -8.38 -3.58
C GLU A 14 0.08 -7.80 -3.60
N PHE A 15 -0.08 -6.48 -3.56
CA PHE A 15 -1.37 -5.88 -3.85
C PHE A 15 -1.14 -4.56 -4.56
N ILE A 16 -2.16 -4.10 -5.28
CA ILE A 16 -2.15 -2.79 -5.91
C ILE A 16 -3.32 -2.02 -5.30
N THR A 17 -3.22 -0.70 -5.34
CA THR A 17 -4.10 0.12 -4.54
C THR A 17 -4.04 1.58 -4.99
N ARG A 18 -5.03 2.35 -4.53
CA ARG A 18 -4.96 3.82 -4.58
C ARG A 18 -5.17 4.26 -3.14
N PHE A 19 -4.43 5.26 -2.67
CA PHE A 19 -4.58 5.75 -1.31
C PHE A 19 -4.42 7.25 -1.39
N ALA A 20 -5.39 7.95 -0.83
CA ALA A 20 -5.34 9.40 -0.75
C ALA A 20 -4.31 9.78 0.33
N VAL A 21 -4.01 11.08 0.40
CA VAL A 21 -3.06 11.58 1.40
C VAL A 21 -3.61 11.40 2.84
N ASN A 22 -4.92 11.11 2.97
CA ASN A 22 -5.62 10.74 4.21
C ASN A 22 -4.96 9.60 5.00
N GLY A 23 -4.08 8.80 4.39
CA GLY A 23 -3.49 7.67 5.07
C GLY A 23 -4.46 6.50 5.24
N LYS A 24 -5.43 6.33 4.33
CA LYS A 24 -6.24 5.11 4.22
C LYS A 24 -6.23 4.64 2.78
N PHE A 25 -6.22 3.33 2.55
CA PHE A 25 -6.22 2.80 1.19
C PHE A 25 -7.61 2.96 0.63
N VAL A 26 -7.88 4.09 0.00
CA VAL A 26 -9.22 4.40 -0.51
C VAL A 26 -9.62 3.44 -1.64
N TYR A 27 -8.69 2.64 -2.16
CA TYR A 27 -8.98 1.51 -3.02
C TYR A 27 -7.93 0.45 -2.78
N VAL A 28 -8.30 -0.82 -2.90
CA VAL A 28 -7.33 -1.91 -2.92
C VAL A 28 -7.88 -3.03 -3.82
N ASP A 29 -6.97 -3.86 -4.36
CA ASP A 29 -7.28 -4.99 -5.23
C ASP A 29 -7.45 -6.31 -4.47
N GLN A 30 -8.00 -7.35 -5.10
CA GLN A 30 -8.24 -8.68 -4.52
C GLN A 30 -6.96 -9.48 -4.21
N ARG A 31 -5.83 -9.23 -4.89
CA ARG A 31 -4.59 -9.83 -4.40
C ARG A 31 -4.31 -9.26 -3.00
N ALA A 32 -4.89 -8.13 -2.55
CA ALA A 32 -4.85 -7.77 -1.12
C ALA A 32 -5.47 -8.87 -0.24
N THR A 33 -6.57 -9.48 -0.70
CA THR A 33 -7.15 -10.66 -0.08
C THR A 33 -6.24 -11.89 -0.23
N ALA A 34 -5.28 -11.89 -1.16
CA ALA A 34 -4.37 -13.03 -1.24
C ALA A 34 -3.12 -12.85 -0.36
N ILE A 35 -2.50 -11.67 -0.43
CA ILE A 35 -1.20 -11.36 0.15
C ILE A 35 -1.22 -11.40 1.66
N LEU A 36 -2.13 -10.62 2.23
CA LEU A 36 -2.21 -10.32 3.65
C LEU A 36 -3.60 -10.73 4.15
N GLY A 37 -4.48 -11.07 3.22
CA GLY A 37 -5.81 -11.59 3.48
C GLY A 37 -6.75 -10.66 4.26
N TYR A 38 -6.54 -9.35 4.22
CA TYR A 38 -7.54 -8.39 4.70
C TYR A 38 -8.03 -7.80 3.38
N LEU A 39 -9.36 -7.79 3.26
CA LEU A 39 -10.00 -7.65 1.97
C LEU A 39 -9.78 -6.27 1.35
N PRO A 40 -10.33 -6.20 0.14
CA PRO A 40 -11.03 -4.95 -0.20
C PRO A 40 -12.29 -4.56 0.64
N GLN A 41 -12.12 -4.52 1.97
CA GLN A 41 -12.94 -3.77 2.94
C GLN A 41 -12.15 -3.66 4.25
N GLU A 42 -11.33 -4.66 4.59
CA GLU A 42 -10.49 -4.61 5.78
C GLU A 42 -9.22 -3.79 5.53
N LEU A 43 -8.90 -3.49 4.26
CA LEU A 43 -7.87 -2.51 3.90
C LEU A 43 -8.55 -1.30 3.25
N LEU A 44 -9.60 -1.54 2.46
CA LEU A 44 -10.29 -0.48 1.71
C LEU A 44 -10.90 0.48 2.71
N GLY A 45 -10.57 1.77 2.65
CA GLY A 45 -11.09 2.76 3.58
C GLY A 45 -10.51 2.62 4.99
N THR A 46 -9.34 2.01 5.12
CA THR A 46 -8.79 1.60 6.42
C THR A 46 -7.35 2.13 6.57
N SER A 47 -7.01 2.52 7.80
CA SER A 47 -5.83 3.28 8.18
C SER A 47 -4.50 2.58 7.88
N CYS A 48 -3.90 3.00 6.77
CA CYS A 48 -2.56 2.65 6.34
C CYS A 48 -1.58 2.73 7.51
N TYR A 49 -1.35 3.91 8.09
CA TYR A 49 -0.25 4.09 9.03
C TYR A 49 -0.52 3.40 10.37
N GLU A 50 -1.79 3.18 10.71
CA GLU A 50 -2.15 2.34 11.84
C GLU A 50 -1.71 0.89 11.57
N TYR A 51 -1.83 0.45 10.32
CA TYR A 51 -1.50 -0.91 9.89
C TYR A 51 -0.02 -1.10 9.50
N PHE A 52 0.81 -0.06 9.46
CA PHE A 52 2.24 -0.26 9.36
C PHE A 52 2.77 -0.37 10.78
N HIS A 53 3.94 -0.97 10.88
CA HIS A 53 4.54 -1.32 12.16
C HIS A 53 4.96 -0.03 12.87
N GLN A 54 5.11 -0.10 14.20
CA GLN A 54 5.71 1.00 14.95
C GLN A 54 7.14 1.24 14.44
N ASP A 55 7.58 2.50 14.50
CA ASP A 55 8.88 2.97 14.00
C ASP A 55 9.13 2.48 12.56
N ASP A 56 8.14 2.71 11.69
CA ASP A 56 8.12 2.32 10.29
C ASP A 56 6.92 2.97 9.63
N HIS A 57 5.76 3.07 10.30
CA HIS A 57 4.69 3.90 9.77
C HIS A 57 5.13 5.36 9.61
N ASN A 58 6.07 5.88 10.43
CA ASN A 58 6.58 7.22 10.12
C ASN A 58 7.38 7.16 8.86
N ASN A 59 8.20 6.11 8.71
CA ASN A 59 9.08 5.99 7.56
C ASN A 59 8.22 6.01 6.30
N LEU A 60 7.20 5.16 6.30
CA LEU A 60 6.14 5.05 5.31
C LEU A 60 5.46 6.39 5.05
N THR A 61 5.10 7.13 6.08
CA THR A 61 4.36 8.38 5.96
C THR A 61 5.29 9.47 5.40
N ASP A 62 6.55 9.46 5.80
CA ASP A 62 7.55 10.38 5.30
C ASP A 62 7.83 10.07 3.83
N LYS A 63 7.71 8.80 3.46
CA LYS A 63 7.92 8.33 2.10
C LYS A 63 6.73 8.58 1.23
N HIS A 64 5.52 8.35 1.69
CA HIS A 64 4.40 8.53 0.80
C HIS A 64 4.14 10.05 0.70
N LYS A 65 4.50 10.92 1.68
CA LYS A 65 4.51 12.37 1.40
C LYS A 65 5.64 12.65 0.47
N ALA A 66 6.77 11.95 0.59
CA ALA A 66 7.84 12.13 -0.39
C ALA A 66 7.32 11.80 -1.80
N VAL A 67 6.28 10.96 -1.91
CA VAL A 67 5.60 10.72 -3.18
C VAL A 67 4.66 11.91 -3.47
N LEU A 68 3.82 12.31 -2.51
CA LEU A 68 2.83 13.39 -2.67
C LEU A 68 3.48 14.72 -3.05
N GLN A 69 4.67 14.96 -2.51
CA GLN A 69 5.43 16.20 -2.48
C GLN A 69 5.40 16.87 -3.86
N SER A 70 5.82 16.11 -4.88
CA SER A 70 6.08 16.61 -6.23
C SER A 70 4.77 16.90 -7.00
N LYS A 71 3.78 16.01 -6.85
CA LYS A 71 2.37 16.07 -7.25
C LYS A 71 2.09 15.08 -8.38
N GLU A 72 3.12 14.58 -9.08
CA GLU A 72 2.96 13.51 -10.04
C GLU A 72 4.28 12.82 -10.42
N LYS A 73 4.91 12.10 -9.48
CA LYS A 73 6.02 11.21 -9.77
C LYS A 73 6.06 10.02 -8.82
N ILE A 74 7.08 9.18 -8.97
CA ILE A 74 7.14 7.85 -8.39
C ILE A 74 8.39 7.68 -7.52
N LEU A 75 8.22 7.02 -6.37
CA LEU A 75 9.32 6.64 -5.47
C LEU A 75 9.12 5.19 -5.05
N THR A 76 10.24 4.50 -4.76
CA THR A 76 10.25 3.10 -4.36
C THR A 76 11.08 2.99 -3.07
N ASP A 77 10.50 2.39 -2.03
CA ASP A 77 11.17 2.17 -0.73
C ASP A 77 10.56 0.95 0.01
N SER A 78 11.00 0.70 1.25
CA SER A 78 10.67 -0.49 2.04
C SER A 78 9.96 -0.09 3.33
N TYR A 79 8.98 -0.92 3.74
CA TYR A 79 8.11 -0.71 4.88
C TYR A 79 7.85 -2.05 5.55
N LYS A 80 7.11 -2.00 6.62
CA LYS A 80 6.86 -3.10 7.52
C LYS A 80 5.39 -2.92 7.83
N PHE A 81 4.58 -3.84 7.34
CA PHE A 81 3.16 -3.68 7.25
C PHE A 81 2.53 -4.90 7.84
N ARG A 82 1.24 -4.85 8.04
CA ARG A 82 0.56 -6.02 8.56
C ARG A 82 -0.42 -6.59 7.56
N ALA A 83 -1.29 -7.44 8.08
CA ALA A 83 -2.15 -8.41 7.45
C ALA A 83 -3.28 -8.80 8.38
N LYS A 84 -4.22 -9.60 7.89
CA LYS A 84 -5.42 -9.99 8.63
C LYS A 84 -5.09 -10.90 9.80
N ASP A 85 -4.50 -12.06 9.52
CA ASP A 85 -4.38 -13.15 10.49
C ASP A 85 -3.43 -12.82 11.64
N GLY A 86 -2.44 -11.96 11.39
CA GLY A 86 -1.42 -11.65 12.39
C GLY A 86 -0.07 -11.24 11.79
N SER A 87 0.21 -11.66 10.55
CA SER A 87 1.45 -11.54 9.80
C SER A 87 1.98 -10.11 9.72
N PHE A 88 2.70 -9.73 10.75
CA PHE A 88 3.52 -8.52 10.82
C PHE A 88 4.67 -8.79 9.85
N VAL A 89 4.53 -8.33 8.61
CA VAL A 89 5.40 -8.71 7.49
C VAL A 89 6.01 -7.46 6.84
N THR A 90 6.68 -7.60 5.69
CA THR A 90 7.34 -6.47 5.04
C THR A 90 6.39 -5.92 3.99
N LEU A 91 6.65 -4.71 3.51
CA LEU A 91 6.06 -4.23 2.28
C LEU A 91 7.19 -3.49 1.58
N LYS A 92 7.06 -3.29 0.29
CA LYS A 92 8.12 -2.89 -0.60
C LYS A 92 7.30 -2.39 -1.74
N SER A 93 7.31 -1.10 -1.99
CA SER A 93 6.28 -0.54 -2.84
C SER A 93 6.82 0.53 -3.74
N GLN A 94 6.08 0.80 -4.80
CA GLN A 94 6.32 1.89 -5.71
C GLN A 94 5.03 2.70 -5.68
N TRP A 95 5.11 3.95 -5.25
CA TRP A 95 3.94 4.79 -5.13
C TRP A 95 4.12 6.00 -6.04
N PHE A 96 3.07 6.35 -6.77
CA PHE A 96 3.09 7.40 -7.79
C PHE A 96 2.07 8.43 -7.32
N SER A 97 2.46 9.70 -7.17
CA SER A 97 1.47 10.74 -6.90
C SER A 97 0.57 10.91 -8.12
N PHE A 98 -0.67 11.36 -7.89
CA PHE A 98 -1.70 11.47 -8.90
C PHE A 98 -2.37 12.81 -8.74
N THR A 99 -2.30 13.61 -9.79
CA THR A 99 -2.96 14.90 -9.86
C THR A 99 -4.37 14.72 -10.48
N ASN A 100 -5.28 15.63 -10.16
CA ASN A 100 -6.69 15.61 -10.57
C ASN A 100 -6.80 15.61 -12.11
N PRO A 101 -5.82 16.20 -12.81
CA PRO A 101 -5.67 17.64 -12.88
C PRO A 101 -6.91 18.30 -13.56
N ASP A 102 -7.99 18.51 -12.81
CA ASP A 102 -8.86 19.68 -13.04
C ASP A 102 -8.24 20.96 -12.52
N THR A 103 -7.32 20.84 -11.57
CA THR A 103 -6.78 21.95 -10.81
C THR A 103 -5.26 21.92 -10.70
N LYS A 104 -4.62 20.85 -11.23
CA LYS A 104 -3.22 20.49 -11.04
C LYS A 104 -2.86 20.21 -9.57
N GLU A 105 -3.84 19.99 -8.69
CA GLU A 105 -3.59 19.60 -7.30
C GLU A 105 -3.15 18.16 -7.23
N LEU A 106 -2.46 17.78 -6.16
CA LEU A 106 -2.24 16.40 -5.82
C LEU A 106 -3.52 15.96 -5.15
N GLU A 107 -4.07 14.87 -5.66
CA GLU A 107 -5.41 14.40 -5.35
C GLU A 107 -5.35 12.98 -4.77
N TYR A 108 -4.43 12.11 -5.22
CA TYR A 108 -4.22 10.78 -4.62
C TYR A 108 -2.77 10.38 -4.81
N ILE A 109 -2.49 9.17 -4.35
CA ILE A 109 -1.29 8.41 -4.65
C ILE A 109 -1.87 7.13 -5.24
N VAL A 110 -1.52 6.83 -6.48
CA VAL A 110 -1.82 5.51 -7.07
C VAL A 110 -0.60 4.66 -6.69
N SER A 111 -0.73 3.34 -6.65
CA SER A 111 0.31 2.59 -5.93
C SER A 111 0.30 1.07 -6.16
N VAL A 112 1.48 0.45 -6.15
CA VAL A 112 1.66 -1.01 -6.21
C VAL A 112 2.65 -1.41 -5.14
N ASN A 113 2.49 -2.59 -4.53
CA ASN A 113 3.34 -2.95 -3.41
C ASN A 113 3.41 -4.45 -3.34
N THR A 114 4.37 -4.92 -2.57
CA THR A 114 4.59 -6.33 -2.40
C THR A 114 5.17 -6.55 -1.02
N LEU A 115 5.16 -7.79 -0.51
CA LEU A 115 5.90 -8.14 0.70
C LEU A 115 7.07 -9.06 0.34
N VAL A 116 7.90 -9.32 1.35
CA VAL A 116 8.97 -10.31 1.33
C VAL A 116 8.95 -10.94 2.74
N LEU A 117 9.32 -12.21 2.86
CA LEU A 117 9.33 -12.92 4.14
C LEU A 117 10.44 -12.38 5.06
N GLY A 118 11.49 -11.82 4.47
CA GLY A 118 12.59 -11.16 5.16
C GLY A 118 13.27 -10.17 4.21
N HIS A 119 14.09 -9.27 4.75
CA HIS A 119 14.70 -8.15 4.03
C HIS A 119 16.01 -7.77 4.74
N SER A 120 16.77 -6.83 4.17
CA SER A 120 18.02 -6.31 4.73
C SER A 120 17.83 -5.62 6.09
N GLU A 121 16.59 -5.38 6.52
CA GLU A 121 16.20 -4.88 7.82
C GLU A 121 14.89 -5.58 8.18
N ASN A 4 -14.94 -18.42 -20.32
CA ASN A 4 -13.78 -18.89 -19.51
C ASN A 4 -13.97 -20.36 -19.09
N SER A 5 -13.09 -21.25 -19.56
CA SER A 5 -13.15 -22.69 -19.26
C SER A 5 -12.85 -23.01 -17.79
N GLY A 6 -12.11 -22.14 -17.08
CA GLY A 6 -11.78 -22.32 -15.68
C GLY A 6 -10.46 -21.69 -15.22
N GLU A 7 -9.88 -20.78 -16.00
CA GLU A 7 -8.66 -20.06 -15.64
C GLU A 7 -8.98 -19.11 -14.47
N ILE A 8 -7.99 -18.89 -13.60
CA ILE A 8 -8.08 -18.04 -12.43
C ILE A 8 -6.65 -17.59 -12.09
N ASN A 9 -6.46 -16.38 -11.54
CA ASN A 9 -5.11 -15.88 -11.23
C ASN A 9 -5.11 -14.91 -10.04
N VAL A 10 -5.92 -15.19 -9.00
CA VAL A 10 -5.98 -14.37 -7.78
C VAL A 10 -4.89 -14.75 -6.77
N LYS A 11 -3.66 -14.78 -7.26
CA LYS A 11 -2.44 -14.95 -6.47
C LYS A 11 -1.42 -14.00 -7.08
N PRO A 12 -0.63 -13.33 -6.23
CA PRO A 12 0.55 -13.84 -5.56
C PRO A 12 0.57 -13.26 -4.13
N THR A 13 1.58 -12.45 -3.81
CA THR A 13 1.90 -12.03 -2.45
C THR A 13 2.34 -10.56 -2.57
N GLU A 14 1.48 -9.80 -3.27
CA GLU A 14 1.60 -8.40 -3.64
C GLU A 14 0.19 -7.78 -3.55
N PHE A 15 0.08 -6.46 -3.65
CA PHE A 15 -1.21 -5.82 -3.86
C PHE A 15 -1.00 -4.51 -4.59
N ILE A 16 -2.05 -4.02 -5.26
CA ILE A 16 -2.03 -2.79 -6.04
C ILE A 16 -3.22 -1.98 -5.55
N THR A 17 -3.05 -0.66 -5.50
CA THR A 17 -3.99 0.18 -4.76
C THR A 17 -4.06 1.64 -5.26
N ARG A 18 -5.12 2.32 -4.82
CA ARG A 18 -5.22 3.78 -4.81
C ARG A 18 -5.49 4.11 -3.35
N PHE A 19 -4.69 4.97 -2.73
CA PHE A 19 -4.95 5.50 -1.43
C PHE A 19 -4.88 7.02 -1.60
N ALA A 20 -5.20 7.76 -0.56
CA ALA A 20 -5.28 9.22 -0.64
C ALA A 20 -4.44 9.88 0.46
N VAL A 21 -4.25 11.20 0.33
CA VAL A 21 -3.52 12.01 1.32
C VAL A 21 -4.21 11.96 2.70
N ASN A 22 -5.48 11.52 2.76
CA ASN A 22 -6.19 11.18 4.00
C ASN A 22 -5.45 10.13 4.86
N GLY A 23 -4.46 9.41 4.30
CA GLY A 23 -3.73 8.39 5.01
C GLY A 23 -4.53 7.10 5.20
N LYS A 24 -5.54 6.85 4.36
CA LYS A 24 -6.25 5.58 4.33
C LYS A 24 -6.32 5.04 2.93
N PHE A 25 -6.48 3.73 2.86
CA PHE A 25 -6.74 3.01 1.63
C PHE A 25 -8.07 3.49 1.10
N VAL A 26 -8.17 3.80 -0.20
CA VAL A 26 -9.38 4.39 -0.75
C VAL A 26 -9.93 3.56 -1.93
N TYR A 27 -9.14 2.61 -2.43
CA TYR A 27 -9.53 1.51 -3.29
C TYR A 27 -8.35 0.52 -3.26
N VAL A 28 -8.60 -0.79 -3.23
CA VAL A 28 -7.55 -1.80 -3.10
C VAL A 28 -7.92 -3.01 -3.96
N ASP A 29 -6.91 -3.71 -4.47
CA ASP A 29 -7.07 -4.89 -5.31
C ASP A 29 -7.11 -6.18 -4.48
N GLN A 30 -7.81 -7.21 -4.95
CA GLN A 30 -7.95 -8.51 -4.28
C GLN A 30 -6.62 -9.28 -4.11
N ARG A 31 -5.56 -8.91 -4.81
CA ARG A 31 -4.22 -9.45 -4.47
C ARG A 31 -3.89 -9.09 -3.02
N ALA A 32 -4.47 -8.00 -2.52
CA ALA A 32 -4.45 -7.73 -1.07
C ALA A 32 -5.17 -8.80 -0.23
N THR A 33 -6.25 -9.37 -0.75
CA THR A 33 -6.90 -10.54 -0.18
C THR A 33 -6.01 -11.78 -0.32
N ALA A 34 -4.97 -11.79 -1.18
CA ALA A 34 -4.13 -12.97 -1.33
C ALA A 34 -2.85 -12.90 -0.45
N ILE A 35 -2.19 -11.75 -0.45
CA ILE A 35 -0.87 -11.52 0.15
C ILE A 35 -0.81 -11.84 1.64
N LEU A 36 -1.66 -11.14 2.38
CA LEU A 36 -1.70 -11.13 3.83
C LEU A 36 -3.16 -11.22 4.30
N GLY A 37 -4.04 -11.54 3.34
CA GLY A 37 -5.42 -11.95 3.50
C GLY A 37 -6.37 -11.05 4.26
N TYR A 38 -6.46 -9.78 3.89
CA TYR A 38 -7.55 -8.92 4.34
C TYR A 38 -8.06 -8.19 3.12
N LEU A 39 -9.37 -7.93 3.13
CA LEU A 39 -10.07 -7.61 1.92
C LEU A 39 -9.71 -6.22 1.46
N PRO A 40 -10.16 -5.97 0.23
CA PRO A 40 -10.71 -4.61 -0.02
C PRO A 40 -11.97 -4.21 0.78
N GLN A 41 -11.85 -4.18 2.11
CA GLN A 41 -12.68 -3.44 3.08
C GLN A 41 -11.93 -3.33 4.41
N GLU A 42 -11.06 -4.30 4.72
CA GLU A 42 -10.16 -4.15 5.87
C GLU A 42 -9.02 -3.23 5.43
N LEU A 43 -8.65 -3.35 4.15
CA LEU A 43 -7.83 -2.41 3.39
C LEU A 43 -8.78 -1.58 2.52
N LEU A 44 -9.76 -0.88 3.10
CA LEU A 44 -10.54 0.10 2.34
C LEU A 44 -11.27 0.99 3.35
N GLY A 45 -11.02 2.30 3.29
CA GLY A 45 -11.51 3.22 4.29
C GLY A 45 -10.80 3.09 5.63
N THR A 46 -9.53 2.64 5.61
CA THR A 46 -8.80 2.21 6.80
C THR A 46 -7.35 2.73 6.79
N SER A 47 -6.83 3.07 7.96
CA SER A 47 -5.59 3.80 8.17
C SER A 47 -4.35 3.07 7.67
N CYS A 48 -3.82 3.55 6.55
CA CYS A 48 -2.52 3.18 6.02
C CYS A 48 -1.44 3.38 7.07
N TYR A 49 -1.38 4.57 7.66
CA TYR A 49 -0.35 4.91 8.64
C TYR A 49 -0.83 4.56 10.05
N GLU A 50 -1.30 3.32 10.13
CA GLU A 50 -1.62 2.59 11.34
C GLU A 50 -1.35 1.11 11.03
N TYR A 51 -1.74 0.65 9.85
CA TYR A 51 -1.50 -0.73 9.40
C TYR A 51 -0.06 -1.07 9.02
N PHE A 52 0.84 -0.10 9.15
CA PHE A 52 2.26 -0.28 9.06
C PHE A 52 2.78 -0.98 10.32
N HIS A 53 4.06 -0.80 10.63
CA HIS A 53 4.70 -1.20 11.88
C HIS A 53 5.25 0.05 12.56
N GLN A 54 5.56 -0.03 13.87
CA GLN A 54 6.17 1.07 14.60
C GLN A 54 7.52 1.40 13.96
N ASP A 55 8.43 0.43 13.89
CA ASP A 55 9.64 0.57 13.07
C ASP A 55 9.16 0.46 11.63
N ASP A 56 9.08 1.60 10.91
CA ASP A 56 8.46 1.82 9.60
C ASP A 56 7.56 3.05 9.66
N HIS A 57 7.02 3.44 10.82
CA HIS A 57 6.01 4.51 10.84
C HIS A 57 6.55 5.82 10.31
N ASN A 58 7.76 6.20 10.73
CA ASN A 58 8.34 7.45 10.24
C ASN A 58 8.68 7.26 8.80
N ASN A 59 9.18 6.08 8.46
CA ASN A 59 9.71 5.85 7.15
C ASN A 59 8.56 5.99 6.14
N LEU A 60 7.47 5.26 6.39
CA LEU A 60 6.24 5.28 5.62
C LEU A 60 5.72 6.68 5.49
N THR A 61 5.61 7.39 6.61
CA THR A 61 4.94 8.69 6.64
C THR A 61 5.81 9.76 5.95
N ASP A 62 7.13 9.62 6.02
CA ASP A 62 8.04 10.59 5.46
C ASP A 62 8.16 10.34 3.97
N LYS A 63 7.98 9.08 3.56
CA LYS A 63 8.02 8.70 2.17
C LYS A 63 6.73 9.02 1.50
N HIS A 64 5.61 8.74 2.12
CA HIS A 64 4.36 8.97 1.46
C HIS A 64 4.15 10.49 1.41
N LYS A 65 4.56 11.30 2.41
CA LYS A 65 4.56 12.74 2.16
C LYS A 65 5.59 13.08 1.13
N ALA A 66 6.70 12.35 1.00
CA ALA A 66 7.62 12.61 -0.09
C ALA A 66 7.00 12.23 -1.45
N VAL A 67 5.97 11.38 -1.50
CA VAL A 67 5.23 11.11 -2.74
C VAL A 67 4.25 12.28 -2.95
N LEU A 68 3.45 12.60 -1.94
CA LEU A 68 2.47 13.71 -1.89
C LEU A 68 3.09 15.10 -2.00
N GLN A 69 4.40 15.17 -1.78
CA GLN A 69 5.21 16.37 -1.82
C GLN A 69 5.00 17.04 -3.20
N SER A 70 4.85 16.20 -4.22
CA SER A 70 4.51 16.55 -5.60
C SER A 70 3.17 15.87 -5.94
N LYS A 71 2.67 15.95 -7.18
CA LYS A 71 1.31 15.53 -7.51
C LYS A 71 1.34 14.53 -8.67
N GLU A 72 2.54 14.10 -9.09
CA GLU A 72 2.71 13.36 -10.32
C GLU A 72 3.88 12.36 -10.32
N LYS A 73 4.58 12.09 -9.20
CA LYS A 73 5.85 11.36 -9.24
C LYS A 73 5.93 10.25 -8.22
N ILE A 74 6.91 9.38 -8.42
CA ILE A 74 7.05 8.07 -7.82
C ILE A 74 8.26 7.96 -6.91
N LEU A 75 8.07 7.29 -5.76
CA LEU A 75 9.14 6.89 -4.86
C LEU A 75 8.98 5.40 -4.54
N THR A 76 10.11 4.73 -4.29
CA THR A 76 10.18 3.30 -4.01
C THR A 76 11.05 3.14 -2.76
N ASP A 77 10.57 2.40 -1.76
CA ASP A 77 11.34 2.08 -0.55
C ASP A 77 10.83 0.77 0.07
N SER A 78 11.51 0.30 1.11
CA SER A 78 11.05 -0.79 1.96
C SER A 78 10.07 -0.25 3.00
N TYR A 79 9.15 -1.11 3.44
CA TYR A 79 8.14 -0.86 4.46
C TYR A 79 7.93 -2.13 5.25
N LYS A 80 7.01 -2.04 6.19
CA LYS A 80 6.69 -3.14 7.08
C LYS A 80 5.24 -2.97 7.47
N PHE A 81 4.48 -4.05 7.50
CA PHE A 81 3.03 -3.94 7.43
C PHE A 81 2.36 -5.12 8.10
N ARG A 82 1.09 -4.98 8.49
CA ARG A 82 0.40 -6.08 9.18
C ARG A 82 -1.05 -6.11 8.73
N ALA A 83 -1.68 -7.29 8.69
CA ALA A 83 -3.02 -7.48 8.15
C ALA A 83 -3.81 -8.53 8.93
N LYS A 84 -5.11 -8.57 8.62
CA LYS A 84 -6.14 -9.55 8.98
C LYS A 84 -6.32 -9.68 10.48
N ASP A 85 -5.34 -10.32 11.11
CA ASP A 85 -5.39 -10.74 12.50
C ASP A 85 -3.97 -10.84 13.03
N GLY A 86 -3.03 -11.28 12.17
CA GLY A 86 -1.68 -11.65 12.59
C GLY A 86 -0.73 -11.98 11.46
N SER A 87 -1.04 -11.54 10.23
CA SER A 87 -0.07 -11.59 9.13
C SER A 87 0.83 -10.39 9.40
N PHE A 88 2.13 -10.58 9.64
CA PHE A 88 3.03 -9.53 10.12
C PHE A 88 4.21 -9.70 9.19
N VAL A 89 4.30 -8.79 8.22
CA VAL A 89 5.13 -9.00 7.05
C VAL A 89 5.97 -7.76 6.71
N THR A 90 6.90 -7.94 5.77
CA THR A 90 7.60 -6.82 5.18
C THR A 90 6.71 -6.35 4.05
N LEU A 91 6.90 -5.13 3.59
CA LEU A 91 6.33 -4.70 2.32
C LEU A 91 7.46 -3.97 1.60
N LYS A 92 7.39 -3.91 0.30
CA LYS A 92 8.39 -3.29 -0.56
C LYS A 92 7.50 -2.70 -1.62
N SER A 93 7.49 -1.39 -1.77
CA SER A 93 6.41 -0.77 -2.52
C SER A 93 6.91 0.46 -3.24
N GLN A 94 6.13 0.89 -4.22
CA GLN A 94 6.35 2.12 -4.93
C GLN A 94 5.01 2.84 -5.06
N TRP A 95 5.01 4.14 -4.80
CA TRP A 95 3.81 4.94 -4.75
C TRP A 95 4.02 6.20 -5.55
N PHE A 96 3.02 6.58 -6.34
CA PHE A 96 3.06 7.68 -7.27
C PHE A 96 1.90 8.60 -6.96
N SER A 97 2.21 9.86 -6.70
CA SER A 97 1.19 10.85 -6.52
C SER A 97 0.45 11.03 -7.85
N PHE A 98 -0.84 11.36 -7.74
CA PHE A 98 -1.74 11.38 -8.86
C PHE A 98 -2.60 12.63 -8.72
N THR A 99 -2.81 13.31 -9.84
CA THR A 99 -3.50 14.58 -9.87
C THR A 99 -4.82 14.43 -10.63
N ASN A 100 -5.80 15.21 -10.19
CA ASN A 100 -7.02 15.52 -10.92
C ASN A 100 -6.49 16.32 -12.10
N PRO A 101 -7.17 16.31 -13.25
CA PRO A 101 -7.11 17.57 -14.01
C PRO A 101 -8.43 17.95 -14.73
N ASP A 102 -9.56 17.85 -14.04
CA ASP A 102 -10.54 18.94 -14.11
C ASP A 102 -10.06 20.17 -13.36
N THR A 103 -9.29 20.00 -12.26
CA THR A 103 -8.94 21.09 -11.38
C THR A 103 -7.42 21.30 -11.20
N LYS A 104 -6.61 20.27 -11.50
CA LYS A 104 -5.18 20.19 -11.19
C LYS A 104 -4.92 20.31 -9.68
N GLU A 105 -5.03 19.18 -8.99
CA GLU A 105 -4.73 19.05 -7.56
C GLU A 105 -4.27 17.63 -7.31
N LEU A 106 -3.38 17.44 -6.32
CA LEU A 106 -3.03 16.14 -5.81
C LEU A 106 -4.32 15.57 -5.22
N GLU A 107 -4.74 14.45 -5.79
CA GLU A 107 -6.04 13.86 -5.55
C GLU A 107 -5.88 12.42 -5.03
N TYR A 108 -4.81 11.69 -5.40
CA TYR A 108 -4.55 10.35 -4.86
C TYR A 108 -3.06 10.07 -4.82
N ILE A 109 -2.73 8.93 -4.24
CA ILE A 109 -1.43 8.31 -4.30
C ILE A 109 -1.77 6.90 -4.76
N VAL A 110 -1.62 6.68 -6.05
CA VAL A 110 -1.80 5.36 -6.67
C VAL A 110 -0.48 4.61 -6.49
N SER A 111 -0.49 3.28 -6.40
CA SER A 111 0.70 2.56 -5.99
C SER A 111 0.61 1.06 -6.19
N VAL A 112 1.76 0.39 -6.06
CA VAL A 112 1.82 -1.07 -6.01
C VAL A 112 2.87 -1.49 -4.99
N ASN A 113 2.59 -2.62 -4.32
CA ASN A 113 3.21 -3.00 -3.10
C ASN A 113 3.38 -4.48 -3.17
N THR A 114 4.40 -4.96 -2.50
CA THR A 114 4.83 -6.34 -2.64
C THR A 114 5.41 -6.75 -1.29
N LEU A 115 5.70 -8.03 -1.06
CA LEU A 115 6.56 -8.42 0.07
C LEU A 115 7.72 -9.29 -0.42
N VAL A 116 8.76 -9.41 0.42
CA VAL A 116 9.92 -10.25 0.14
C VAL A 116 9.53 -11.68 0.50
N LEU A 117 9.90 -12.65 -0.34
CA LEU A 117 9.57 -14.07 -0.20
C LEU A 117 10.76 -14.86 -0.74
N GLY A 118 11.22 -15.85 0.01
CA GLY A 118 12.36 -16.69 -0.35
C GLY A 118 12.60 -17.78 0.70
N HIS A 119 13.63 -18.60 0.47
CA HIS A 119 14.07 -19.68 1.36
C HIS A 119 15.59 -19.83 1.23
N SER A 120 16.20 -20.58 2.15
CA SER A 120 17.64 -20.82 2.23
C SER A 120 18.19 -21.68 1.07
N GLU A 121 17.33 -22.21 0.20
CA GLU A 121 17.67 -23.02 -0.96
C GLU A 121 16.68 -22.69 -2.07
N ASN A 4 -10.04 -25.63 -18.67
CA ASN A 4 -10.64 -24.42 -18.04
C ASN A 4 -11.82 -24.81 -17.15
N SER A 5 -11.69 -24.56 -15.84
CA SER A 5 -12.66 -24.95 -14.82
C SER A 5 -12.85 -23.87 -13.74
N GLY A 6 -11.99 -22.85 -13.67
CA GLY A 6 -12.09 -21.80 -12.65
C GLY A 6 -10.81 -20.99 -12.45
N GLU A 7 -9.95 -20.92 -13.47
CA GLU A 7 -8.65 -20.25 -13.42
C GLU A 7 -8.86 -18.75 -13.19
N ILE A 8 -8.06 -18.17 -12.29
CA ILE A 8 -8.07 -16.77 -11.87
C ILE A 8 -6.62 -16.35 -11.56
N ASN A 9 -6.38 -15.05 -11.35
CA ASN A 9 -5.02 -14.49 -11.19
C ASN A 9 -4.92 -13.62 -9.92
N VAL A 10 -5.80 -13.86 -8.95
CA VAL A 10 -5.87 -13.06 -7.71
C VAL A 10 -4.70 -13.30 -6.77
N LYS A 11 -4.10 -14.47 -6.85
CA LYS A 11 -2.84 -14.78 -6.18
C LYS A 11 -1.76 -13.90 -6.78
N PRO A 12 -0.90 -13.34 -5.91
CA PRO A 12 0.23 -14.01 -5.31
C PRO A 12 0.37 -13.48 -3.85
N THR A 13 1.36 -12.63 -3.58
CA THR A 13 1.72 -12.13 -2.27
C THR A 13 2.17 -10.68 -2.53
N GLU A 14 1.29 -9.95 -3.22
CA GLU A 14 1.40 -8.59 -3.74
C GLU A 14 0.04 -7.94 -3.57
N PHE A 15 -0.02 -6.61 -3.54
CA PHE A 15 -1.29 -5.87 -3.64
C PHE A 15 -1.01 -4.61 -4.43
N ILE A 16 -2.05 -4.04 -5.02
CA ILE A 16 -1.93 -2.81 -5.76
C ILE A 16 -3.10 -1.98 -5.28
N THR A 17 -2.94 -0.67 -5.32
CA THR A 17 -3.79 0.15 -4.48
C THR A 17 -3.93 1.59 -4.95
N ARG A 18 -4.88 2.30 -4.36
CA ARG A 18 -4.93 3.76 -4.43
C ARG A 18 -5.19 4.23 -3.01
N PHE A 19 -4.58 5.33 -2.58
CA PHE A 19 -4.76 5.82 -1.23
C PHE A 19 -4.66 7.32 -1.34
N ALA A 20 -5.63 7.98 -0.73
CA ALA A 20 -5.57 9.43 -0.64
C ALA A 20 -4.58 9.80 0.48
N VAL A 21 -4.26 11.08 0.57
CA VAL A 21 -3.36 11.55 1.64
C VAL A 21 -4.03 11.47 3.03
N ASN A 22 -5.31 11.08 3.08
CA ASN A 22 -6.02 10.67 4.28
C ASN A 22 -5.32 9.52 5.02
N GLY A 23 -4.39 8.80 4.36
CA GLY A 23 -3.68 7.69 4.97
C GLY A 23 -4.55 6.45 5.11
N LYS A 24 -5.55 6.27 4.25
CA LYS A 24 -6.31 5.02 4.13
C LYS A 24 -6.28 4.56 2.69
N PHE A 25 -6.25 3.25 2.45
CA PHE A 25 -6.32 2.75 1.08
C PHE A 25 -7.73 2.93 0.61
N VAL A 26 -7.99 4.06 -0.04
CA VAL A 26 -9.29 4.37 -0.58
C VAL A 26 -9.67 3.43 -1.74
N TYR A 27 -8.71 2.61 -2.19
CA TYR A 27 -8.94 1.47 -3.05
C TYR A 27 -7.89 0.43 -2.72
N VAL A 28 -8.25 -0.84 -2.85
CA VAL A 28 -7.34 -1.95 -2.78
C VAL A 28 -7.79 -2.97 -3.82
N ASP A 29 -6.84 -3.61 -4.48
CA ASP A 29 -7.06 -4.73 -5.38
C ASP A 29 -7.25 -6.02 -4.57
N GLN A 30 -8.02 -7.01 -5.05
CA GLN A 30 -8.18 -8.32 -4.40
C GLN A 30 -6.86 -9.11 -4.21
N ARG A 31 -5.77 -8.74 -4.90
CA ARG A 31 -4.47 -9.31 -4.55
C ARG A 31 -4.18 -8.97 -3.08
N ALA A 32 -4.74 -7.87 -2.51
CA ALA A 32 -4.78 -7.64 -1.05
C ALA A 32 -5.32 -8.84 -0.27
N THR A 33 -6.47 -9.37 -0.70
CA THR A 33 -7.07 -10.61 -0.18
C THR A 33 -6.16 -11.82 -0.40
N ALA A 34 -5.19 -11.77 -1.33
CA ALA A 34 -4.24 -12.88 -1.42
C ALA A 34 -3.02 -12.68 -0.52
N ILE A 35 -2.47 -11.47 -0.46
CA ILE A 35 -1.19 -11.17 0.18
C ILE A 35 -1.29 -11.19 1.70
N LEU A 36 -2.22 -10.40 2.22
CA LEU A 36 -2.35 -10.10 3.63
C LEU A 36 -3.72 -10.59 4.10
N GLY A 37 -4.48 -11.18 3.18
CA GLY A 37 -5.78 -11.77 3.37
C GLY A 37 -6.82 -10.95 4.14
N TYR A 38 -6.71 -9.62 4.12
CA TYR A 38 -7.74 -8.73 4.61
C TYR A 38 -8.21 -8.02 3.36
N LEU A 39 -9.53 -7.88 3.29
CA LEU A 39 -10.17 -7.64 2.00
C LEU A 39 -9.89 -6.25 1.44
N PRO A 40 -10.37 -6.12 0.21
CA PRO A 40 -11.05 -4.85 -0.14
C PRO A 40 -12.34 -4.47 0.63
N GLN A 41 -12.24 -4.42 1.97
CA GLN A 41 -13.10 -3.68 2.90
C GLN A 41 -12.32 -3.54 4.22
N GLU A 42 -11.53 -4.56 4.60
CA GLU A 42 -10.71 -4.47 5.80
C GLU A 42 -9.48 -3.60 5.55
N LEU A 43 -9.01 -3.50 4.30
CA LEU A 43 -8.02 -2.48 3.92
C LEU A 43 -8.71 -1.27 3.27
N LEU A 44 -9.86 -1.49 2.63
CA LEU A 44 -10.49 -0.46 1.81
C LEU A 44 -11.18 0.55 2.73
N GLY A 45 -10.66 1.77 2.77
CA GLY A 45 -11.13 2.79 3.69
C GLY A 45 -10.50 2.65 5.08
N THR A 46 -9.31 2.04 5.16
CA THR A 46 -8.72 1.65 6.45
C THR A 46 -7.27 2.13 6.54
N SER A 47 -6.88 2.54 7.76
CA SER A 47 -5.68 3.27 8.11
C SER A 47 -4.37 2.58 7.77
N CYS A 48 -3.83 2.93 6.60
CA CYS A 48 -2.49 2.59 6.17
C CYS A 48 -1.48 2.93 7.28
N TYR A 49 -1.51 4.18 7.77
CA TYR A 49 -0.53 4.66 8.72
C TYR A 49 -0.95 4.38 10.17
N GLU A 50 -1.43 3.16 10.35
CA GLU A 50 -1.67 2.49 11.61
C GLU A 50 -1.37 1.01 11.35
N TYR A 51 -1.86 0.47 10.22
CA TYR A 51 -1.62 -0.88 9.77
C TYR A 51 -0.18 -1.17 9.33
N PHE A 52 0.71 -0.20 9.43
CA PHE A 52 2.12 -0.34 9.22
C PHE A 52 2.75 -1.09 10.41
N HIS A 53 3.99 -0.78 10.77
CA HIS A 53 4.62 -1.23 12.00
C HIS A 53 5.18 0.00 12.71
N GLN A 54 5.40 -0.08 14.02
CA GLN A 54 6.15 0.95 14.73
C GLN A 54 7.64 0.82 14.33
N ASP A 55 8.41 1.90 14.47
CA ASP A 55 9.82 1.99 14.05
C ASP A 55 9.97 1.58 12.58
N ASP A 56 9.22 2.30 11.73
CA ASP A 56 8.92 2.09 10.32
C ASP A 56 7.74 3.01 9.99
N HIS A 57 6.89 3.28 10.98
CA HIS A 57 5.83 4.28 10.96
C HIS A 57 6.31 5.62 10.42
N ASN A 58 7.42 6.14 10.93
CA ASN A 58 7.94 7.42 10.45
C ASN A 58 8.43 7.21 9.04
N ASN A 59 9.06 6.06 8.79
CA ASN A 59 9.68 5.82 7.52
C ASN A 59 8.60 5.83 6.42
N LEU A 60 7.51 5.11 6.66
CA LEU A 60 6.32 5.03 5.82
C LEU A 60 5.77 6.42 5.58
N THR A 61 5.56 7.16 6.65
CA THR A 61 4.90 8.46 6.63
C THR A 61 5.79 9.48 5.92
N ASP A 62 7.11 9.32 6.03
CA ASP A 62 8.07 10.22 5.45
C ASP A 62 8.15 9.93 3.97
N LYS A 63 7.98 8.66 3.59
CA LYS A 63 7.97 8.24 2.21
C LYS A 63 6.67 8.64 1.57
N HIS A 64 5.54 8.40 2.21
CA HIS A 64 4.32 8.59 1.50
C HIS A 64 4.11 10.11 1.38
N LYS A 65 4.56 10.95 2.36
CA LYS A 65 4.62 12.39 2.07
C LYS A 65 5.63 12.62 1.00
N ALA A 66 6.74 11.89 0.97
CA ALA A 66 7.69 12.05 -0.13
C ALA A 66 7.01 11.76 -1.47
N VAL A 67 5.93 10.96 -1.51
CA VAL A 67 5.16 10.76 -2.74
C VAL A 67 4.27 12.00 -2.94
N LEU A 68 3.50 12.39 -1.92
CA LEU A 68 2.57 13.53 -1.91
C LEU A 68 3.27 14.89 -2.11
N GLN A 69 4.55 14.92 -1.81
CA GLN A 69 5.46 16.05 -1.86
C GLN A 69 5.46 16.61 -3.30
N SER A 70 5.26 15.72 -4.28
CA SER A 70 5.07 16.00 -5.71
C SER A 70 3.66 15.51 -6.07
N LYS A 71 3.20 15.67 -7.32
CA LYS A 71 1.79 15.42 -7.66
C LYS A 71 1.71 14.33 -8.71
N GLU A 72 2.86 13.90 -9.25
CA GLU A 72 2.90 13.05 -10.43
C GLU A 72 4.13 12.12 -10.44
N LYS A 73 4.75 11.82 -9.28
CA LYS A 73 6.07 11.16 -9.25
C LYS A 73 6.10 10.02 -8.26
N ILE A 74 7.17 9.23 -8.33
CA ILE A 74 7.24 7.90 -7.78
C ILE A 74 8.38 7.69 -6.79
N LEU A 75 8.06 7.00 -5.69
CA LEU A 75 8.97 6.63 -4.59
C LEU A 75 8.95 5.12 -4.46
N THR A 76 10.09 4.56 -4.06
CA THR A 76 10.23 3.18 -3.68
C THR A 76 11.30 3.08 -2.58
N ASP A 77 10.98 2.33 -1.52
CA ASP A 77 11.84 2.02 -0.38
C ASP A 77 11.23 0.77 0.30
N SER A 78 11.76 0.33 1.43
CA SER A 78 11.16 -0.68 2.28
C SER A 78 10.13 -0.03 3.21
N TYR A 79 9.15 -0.84 3.65
CA TYR A 79 8.16 -0.52 4.67
C TYR A 79 7.80 -1.80 5.36
N LYS A 80 6.98 -1.69 6.38
CA LYS A 80 6.57 -2.82 7.17
C LYS A 80 5.10 -2.61 7.48
N PHE A 81 4.33 -3.68 7.39
CA PHE A 81 2.88 -3.64 7.38
C PHE A 81 2.34 -4.93 7.95
N ARG A 82 1.05 -5.02 8.28
CA ARG A 82 0.49 -6.35 8.60
C ARG A 82 -0.59 -6.87 7.69
N ALA A 83 -1.48 -7.68 8.23
CA ALA A 83 -2.39 -8.58 7.57
C ALA A 83 -3.51 -8.99 8.52
N LYS A 84 -4.52 -9.62 7.94
CA LYS A 84 -5.70 -10.20 8.59
C LYS A 84 -5.35 -10.95 9.87
N ASP A 85 -4.40 -11.88 9.80
CA ASP A 85 -4.13 -12.81 10.90
C ASP A 85 -3.13 -12.21 11.90
N GLY A 86 -2.62 -10.98 11.65
CA GLY A 86 -1.54 -10.41 12.45
C GLY A 86 -0.16 -10.90 11.99
N SER A 87 -0.04 -11.27 10.70
CA SER A 87 1.22 -11.56 10.04
C SER A 87 1.93 -10.22 9.83
N PHE A 88 2.60 -9.75 10.87
CA PHE A 88 3.45 -8.58 10.83
C PHE A 88 4.54 -8.84 9.80
N VAL A 89 4.42 -8.19 8.64
CA VAL A 89 5.23 -8.51 7.46
C VAL A 89 5.94 -7.28 6.86
N THR A 90 6.69 -7.42 5.76
CA THR A 90 7.61 -6.36 5.30
C THR A 90 7.31 -6.14 3.84
N LEU A 91 7.07 -4.89 3.43
CA LEU A 91 6.65 -4.54 2.09
C LEU A 91 7.75 -3.72 1.45
N LYS A 92 7.61 -3.55 0.15
CA LYS A 92 8.59 -3.02 -0.75
C LYS A 92 7.65 -2.63 -1.87
N SER A 93 7.56 -1.34 -2.19
CA SER A 93 6.44 -0.84 -3.00
C SER A 93 6.86 0.35 -3.83
N GLN A 94 5.97 0.77 -4.70
CA GLN A 94 6.14 1.77 -5.73
C GLN A 94 4.88 2.62 -5.62
N TRP A 95 4.97 3.85 -5.09
CA TRP A 95 3.78 4.70 -5.03
C TRP A 95 4.02 5.96 -5.86
N PHE A 96 3.10 6.27 -6.76
CA PHE A 96 3.14 7.40 -7.66
C PHE A 96 2.03 8.35 -7.23
N SER A 97 2.32 9.63 -7.01
CA SER A 97 1.29 10.62 -6.72
C SER A 97 0.36 10.79 -7.93
N PHE A 98 -0.86 11.25 -7.68
CA PHE A 98 -1.91 11.38 -8.68
C PHE A 98 -2.55 12.75 -8.51
N THR A 99 -2.48 13.53 -9.59
CA THR A 99 -3.01 14.86 -9.61
C THR A 99 -4.38 14.87 -10.26
N ASN A 100 -5.20 15.78 -9.75
CA ASN A 100 -6.40 16.28 -10.37
C ASN A 100 -5.81 17.00 -11.57
N PRO A 101 -6.50 17.06 -12.71
CA PRO A 101 -6.63 18.40 -13.27
C PRO A 101 -7.97 18.61 -13.99
N ASP A 102 -9.05 18.67 -13.20
CA ASP A 102 -10.04 19.73 -13.42
C ASP A 102 -9.41 21.09 -13.14
N THR A 103 -8.40 21.14 -12.25
CA THR A 103 -7.62 22.33 -11.98
C THR A 103 -6.10 22.08 -12.06
N LYS A 104 -5.59 21.17 -11.21
CA LYS A 104 -4.19 20.78 -10.89
C LYS A 104 -4.04 20.83 -9.36
N GLU A 105 -4.02 19.67 -8.71
CA GLU A 105 -3.69 19.51 -7.29
C GLU A 105 -3.36 18.04 -7.04
N LEU A 106 -2.51 17.74 -6.06
CA LEU A 106 -2.31 16.36 -5.61
C LEU A 106 -3.62 15.97 -4.94
N GLU A 107 -4.26 14.97 -5.53
CA GLU A 107 -5.63 14.58 -5.22
C GLU A 107 -5.66 13.17 -4.60
N TYR A 108 -4.75 12.26 -4.96
CA TYR A 108 -4.52 10.97 -4.27
C TYR A 108 -3.20 10.41 -4.74
N ILE A 109 -2.91 9.19 -4.34
CA ILE A 109 -1.73 8.45 -4.72
C ILE A 109 -2.23 7.09 -5.21
N VAL A 110 -1.42 6.48 -6.04
CA VAL A 110 -1.71 5.19 -6.69
C VAL A 110 -0.43 4.39 -6.58
N SER A 111 -0.50 3.06 -6.60
CA SER A 111 0.68 2.28 -6.28
C SER A 111 0.59 0.79 -6.58
N VAL A 112 1.76 0.14 -6.49
CA VAL A 112 1.88 -1.30 -6.47
C VAL A 112 2.85 -1.71 -5.38
N ASN A 113 2.59 -2.83 -4.72
CA ASN A 113 3.23 -3.18 -3.47
C ASN A 113 3.49 -4.67 -3.52
N THR A 114 4.52 -5.08 -2.80
CA THR A 114 4.77 -6.49 -2.58
C THR A 114 5.10 -6.71 -1.10
N LEU A 115 5.40 -7.94 -0.70
CA LEU A 115 6.00 -8.21 0.60
C LEU A 115 7.11 -9.25 0.48
N VAL A 116 7.87 -9.35 1.57
CA VAL A 116 8.99 -10.24 1.82
C VAL A 116 8.84 -10.68 3.29
N LEU A 117 9.22 -11.91 3.61
CA LEU A 117 9.12 -12.43 4.97
C LEU A 117 10.22 -11.85 5.86
N GLY A 118 11.37 -11.51 5.26
CA GLY A 118 12.56 -11.04 5.94
C GLY A 118 13.70 -10.82 4.94
N HIS A 119 14.92 -10.64 5.44
CA HIS A 119 16.12 -10.54 4.61
C HIS A 119 16.33 -11.83 3.79
N SER A 120 16.97 -11.71 2.64
CA SER A 120 17.15 -12.80 1.68
C SER A 120 18.10 -13.90 2.20
N GLU A 121 18.93 -13.60 3.20
CA GLU A 121 19.87 -14.51 3.84
C GLU A 121 20.13 -14.00 5.27
N ASN A 4 -14.28 -10.72 -18.39
CA ASN A 4 -14.42 -11.06 -16.95
C ASN A 4 -13.07 -11.55 -16.40
N SER A 5 -12.47 -10.79 -15.47
CA SER A 5 -11.09 -10.99 -15.00
C SER A 5 -11.00 -10.90 -13.47
N GLY A 6 -12.11 -11.11 -12.76
CA GLY A 6 -12.21 -10.95 -11.32
C GLY A 6 -13.36 -11.76 -10.72
N GLU A 7 -13.62 -12.95 -11.28
CA GLU A 7 -14.72 -13.82 -10.85
C GLU A 7 -14.48 -14.36 -9.43
N ILE A 8 -13.22 -14.47 -9.02
CA ILE A 8 -12.79 -14.97 -7.72
C ILE A 8 -11.45 -14.28 -7.39
N ASN A 9 -10.86 -14.61 -6.24
CA ASN A 9 -9.54 -14.16 -5.80
C ASN A 9 -8.95 -15.31 -4.98
N VAL A 10 -7.64 -15.55 -5.09
CA VAL A 10 -7.04 -16.77 -4.51
C VAL A 10 -5.66 -16.48 -3.92
N LYS A 11 -4.72 -16.11 -4.77
CA LYS A 11 -3.29 -16.00 -4.48
C LYS A 11 -2.70 -15.02 -5.46
N PRO A 12 -1.69 -14.25 -5.03
CA PRO A 12 -0.34 -14.65 -4.68
C PRO A 12 0.04 -13.85 -3.41
N THR A 13 0.99 -12.92 -3.49
CA THR A 13 1.59 -12.25 -2.35
C THR A 13 2.16 -10.91 -2.87
N GLU A 14 1.31 -10.15 -3.57
CA GLU A 14 1.53 -8.78 -4.03
C GLU A 14 0.15 -8.12 -4.05
N PHE A 15 0.06 -6.79 -4.15
CA PHE A 15 -1.21 -6.10 -4.38
C PHE A 15 -0.96 -4.74 -5.02
N ILE A 16 -2.03 -4.00 -5.27
CA ILE A 16 -2.01 -2.71 -5.93
C ILE A 16 -3.09 -1.87 -5.25
N THR A 17 -2.88 -0.55 -5.15
CA THR A 17 -3.70 0.30 -4.29
C THR A 17 -3.81 1.74 -4.82
N ARG A 18 -4.73 2.51 -4.22
CA ARG A 18 -4.76 3.96 -4.30
C ARG A 18 -4.90 4.47 -2.87
N PHE A 19 -4.29 5.60 -2.55
CA PHE A 19 -4.32 6.20 -1.24
C PHE A 19 -4.46 7.67 -1.52
N ALA A 20 -5.56 8.27 -1.08
CA ALA A 20 -5.62 9.72 -1.07
C ALA A 20 -4.65 10.16 0.03
N VAL A 21 -4.29 11.42 0.05
CA VAL A 21 -3.32 11.94 1.02
C VAL A 21 -4.03 12.18 2.38
N ASN A 22 -4.66 11.13 2.92
CA ASN A 22 -5.61 11.15 4.05
C ASN A 22 -5.28 10.13 5.15
N GLY A 23 -4.23 9.33 5.03
CA GLY A 23 -3.95 8.28 5.99
C GLY A 23 -4.74 6.98 5.78
N LYS A 24 -5.45 6.78 4.66
CA LYS A 24 -6.10 5.49 4.34
C LYS A 24 -5.87 5.05 2.90
N PHE A 25 -5.81 3.74 2.64
CA PHE A 25 -5.82 3.25 1.26
C PHE A 25 -7.25 3.34 0.76
N VAL A 26 -7.59 4.50 0.21
CA VAL A 26 -8.91 4.80 -0.30
C VAL A 26 -9.36 3.81 -1.38
N TYR A 27 -8.44 3.05 -2.00
CA TYR A 27 -8.80 1.91 -2.83
C TYR A 27 -7.72 0.83 -2.67
N VAL A 28 -8.11 -0.43 -2.75
CA VAL A 28 -7.23 -1.57 -2.54
C VAL A 28 -7.74 -2.68 -3.47
N ASP A 29 -6.81 -3.44 -4.06
CA ASP A 29 -7.12 -4.57 -4.93
C ASP A 29 -7.28 -5.89 -4.16
N GLN A 30 -7.98 -6.88 -4.71
CA GLN A 30 -8.21 -8.20 -4.10
C GLN A 30 -6.94 -9.05 -3.96
N ARG A 31 -5.86 -8.77 -4.69
CA ARG A 31 -4.61 -9.44 -4.34
C ARG A 31 -4.18 -8.96 -2.94
N ALA A 32 -4.73 -7.88 -2.35
CA ALA A 32 -4.58 -7.63 -0.91
C ALA A 32 -5.17 -8.79 -0.08
N THR A 33 -6.34 -9.28 -0.47
CA THR A 33 -6.95 -10.50 0.08
C THR A 33 -6.10 -11.73 -0.22
N ALA A 34 -5.17 -11.68 -1.19
CA ALA A 34 -4.23 -12.78 -1.35
C ALA A 34 -3.03 -12.64 -0.41
N ILE A 35 -2.38 -11.48 -0.41
CA ILE A 35 -1.09 -11.22 0.24
C ILE A 35 -1.15 -11.25 1.75
N LEU A 36 -2.14 -10.52 2.28
CA LEU A 36 -2.22 -10.23 3.71
C LEU A 36 -3.61 -10.63 4.20
N GLY A 37 -4.36 -11.30 3.32
CA GLY A 37 -5.66 -11.89 3.52
C GLY A 37 -6.71 -11.10 4.32
N TYR A 38 -6.69 -9.77 4.19
CA TYR A 38 -7.73 -8.85 4.65
C TYR A 38 -8.23 -8.19 3.38
N LEU A 39 -9.51 -7.83 3.40
CA LEU A 39 -10.20 -7.47 2.18
C LEU A 39 -9.69 -6.14 1.61
N PRO A 40 -10.08 -5.98 0.34
CA PRO A 40 -10.69 -4.67 0.02
C PRO A 40 -11.93 -4.16 0.83
N GLN A 41 -11.83 -4.15 2.15
CA GLN A 41 -12.67 -3.38 3.10
C GLN A 41 -11.97 -3.36 4.46
N GLU A 42 -11.15 -4.37 4.79
CA GLU A 42 -10.33 -4.33 5.99
C GLU A 42 -9.03 -3.53 5.74
N LEU A 43 -8.64 -3.36 4.46
CA LEU A 43 -7.61 -2.39 4.08
C LEU A 43 -8.27 -1.16 3.44
N LEU A 44 -9.34 -1.39 2.67
CA LEU A 44 -9.90 -0.33 1.84
C LEU A 44 -10.64 0.69 2.70
N GLY A 45 -10.30 1.97 2.55
CA GLY A 45 -10.85 3.06 3.34
C GLY A 45 -10.55 2.91 4.83
N THR A 46 -9.41 2.31 5.14
CA THR A 46 -8.99 1.96 6.49
C THR A 46 -7.59 2.54 6.71
N SER A 47 -7.22 2.79 7.96
CA SER A 47 -6.05 3.55 8.32
C SER A 47 -4.73 2.87 7.98
N CYS A 48 -4.01 3.46 7.01
CA CYS A 48 -2.62 3.21 6.76
C CYS A 48 -1.90 3.10 8.10
N TYR A 49 -1.99 4.15 8.90
CA TYR A 49 -1.19 4.24 10.11
C TYR A 49 -1.69 3.34 11.25
N GLU A 50 -2.57 2.36 10.97
CA GLU A 50 -2.98 1.33 11.92
C GLU A 50 -2.71 -0.08 11.36
N TYR A 51 -2.81 -0.32 10.04
CA TYR A 51 -2.40 -1.63 9.50
C TYR A 51 -0.90 -1.67 9.15
N PHE A 52 -0.26 -0.52 8.88
CA PHE A 52 1.19 -0.47 8.82
C PHE A 52 1.72 -0.68 10.24
N HIS A 53 2.98 -1.10 10.38
CA HIS A 53 3.69 -1.12 11.66
C HIS A 53 5.16 -0.73 11.42
N GLN A 54 5.36 0.40 10.73
CA GLN A 54 6.69 0.77 10.26
C GLN A 54 7.69 0.98 11.41
N ASP A 55 8.98 0.78 11.09
CA ASP A 55 10.14 1.05 11.94
C ASP A 55 10.03 2.36 12.73
N ASP A 56 9.80 3.48 12.04
CA ASP A 56 9.37 4.72 12.64
C ASP A 56 8.39 5.24 11.61
N HIS A 57 7.12 5.41 12.00
CA HIS A 57 6.02 5.64 11.08
C HIS A 57 6.20 6.87 10.19
N ASN A 58 6.97 7.84 10.70
CA ASN A 58 7.43 9.00 9.96
C ASN A 58 8.05 8.59 8.65
N ASN A 59 8.68 7.41 8.55
CA ASN A 59 9.41 7.05 7.35
C ASN A 59 8.39 6.91 6.24
N LEU A 60 7.35 6.11 6.49
CA LEU A 60 6.24 5.87 5.57
C LEU A 60 5.54 7.19 5.24
N THR A 61 5.36 8.05 6.24
CA THR A 61 4.66 9.32 6.08
C THR A 61 5.48 10.29 5.22
N ASP A 62 6.79 10.35 5.46
CA ASP A 62 7.71 11.27 4.79
C ASP A 62 7.92 10.80 3.37
N LYS A 63 7.81 9.49 3.16
CA LYS A 63 7.96 8.88 1.87
C LYS A 63 6.72 9.07 1.05
N HIS A 64 5.54 8.87 1.61
CA HIS A 64 4.38 9.07 0.78
C HIS A 64 4.24 10.58 0.49
N LYS A 65 4.63 11.52 1.38
CA LYS A 65 4.70 12.92 0.96
C LYS A 65 5.87 13.14 0.04
N ALA A 66 6.93 12.33 0.06
CA ALA A 66 7.92 12.43 -0.99
C ALA A 66 7.28 12.03 -2.33
N VAL A 67 6.21 11.22 -2.32
CA VAL A 67 5.46 10.92 -3.54
C VAL A 67 4.52 12.11 -3.84
N LEU A 68 3.76 12.58 -2.84
CA LEU A 68 2.76 13.67 -2.94
C LEU A 68 3.40 15.05 -3.17
N GLN A 69 4.69 15.13 -2.92
CA GLN A 69 5.51 16.31 -3.15
C GLN A 69 5.38 16.69 -4.64
N SER A 70 5.37 15.66 -5.51
CA SER A 70 5.05 15.72 -6.93
C SER A 70 3.57 15.39 -7.11
N LYS A 71 3.01 15.56 -8.32
CA LYS A 71 1.59 15.31 -8.57
C LYS A 71 1.45 14.19 -9.59
N GLU A 72 2.57 13.66 -10.10
CA GLU A 72 2.59 12.79 -11.25
C GLU A 72 3.81 11.83 -11.28
N LYS A 73 4.53 11.60 -10.17
CA LYS A 73 5.82 10.89 -10.20
C LYS A 73 5.95 9.84 -9.12
N ILE A 74 6.92 8.95 -9.30
CA ILE A 74 7.07 7.69 -8.63
C ILE A 74 8.32 7.61 -7.74
N LEU A 75 8.14 6.99 -6.56
CA LEU A 75 9.20 6.65 -5.61
C LEU A 75 8.95 5.25 -5.06
N THR A 76 10.00 4.61 -4.55
CA THR A 76 9.93 3.29 -3.95
C THR A 76 10.80 3.29 -2.71
N ASP A 77 10.28 2.68 -1.64
CA ASP A 77 10.95 2.51 -0.35
C ASP A 77 10.45 1.22 0.34
N SER A 78 10.82 0.99 1.60
CA SER A 78 10.65 -0.26 2.33
C SER A 78 9.92 -0.01 3.64
N TYR A 79 8.87 -0.77 3.93
CA TYR A 79 8.06 -0.58 5.13
C TYR A 79 7.55 -1.88 5.65
N LYS A 80 6.80 -1.81 6.73
CA LYS A 80 6.41 -2.98 7.50
C LYS A 80 4.94 -2.83 7.77
N PHE A 81 4.20 -3.92 7.59
CA PHE A 81 2.76 -3.90 7.42
C PHE A 81 2.17 -5.21 7.89
N ARG A 82 0.94 -5.20 8.39
CA ARG A 82 0.39 -6.39 9.07
C ARG A 82 -1.08 -6.74 8.76
N ALA A 83 -1.19 -7.86 8.04
CA ALA A 83 -2.26 -8.75 7.64
C ALA A 83 -3.28 -9.16 8.69
N LYS A 84 -4.32 -9.80 8.17
CA LYS A 84 -5.51 -10.28 8.85
C LYS A 84 -5.20 -11.41 9.83
N ASP A 85 -4.59 -12.49 9.32
CA ASP A 85 -4.42 -13.74 10.05
C ASP A 85 -3.37 -13.62 11.16
N GLY A 86 -2.37 -12.76 10.95
CA GLY A 86 -1.31 -12.51 11.91
C GLY A 86 0.04 -12.13 11.28
N SER A 87 0.24 -12.44 9.99
CA SER A 87 1.49 -12.22 9.27
C SER A 87 1.92 -10.76 9.41
N PHE A 88 3.18 -10.52 9.75
CA PHE A 88 3.72 -9.23 10.14
C PHE A 88 4.95 -9.16 9.25
N VAL A 89 4.78 -8.47 8.12
CA VAL A 89 5.68 -8.60 7.00
C VAL A 89 6.26 -7.27 6.57
N THR A 90 7.23 -7.31 5.67
CA THR A 90 7.82 -6.11 5.09
C THR A 90 7.16 -5.93 3.75
N LEU A 91 6.50 -4.79 3.47
CA LEU A 91 6.12 -4.51 2.11
C LEU A 91 7.28 -3.76 1.50
N LYS A 92 7.35 -3.79 0.19
CA LYS A 92 8.36 -3.14 -0.60
C LYS A 92 7.50 -2.67 -1.75
N SER A 93 7.35 -1.36 -1.91
CA SER A 93 6.27 -0.84 -2.73
C SER A 93 6.74 0.37 -3.52
N GLN A 94 5.94 0.76 -4.51
CA GLN A 94 6.24 1.85 -5.42
C GLN A 94 4.97 2.67 -5.53
N TRP A 95 5.04 3.98 -5.33
CA TRP A 95 3.86 4.83 -5.30
C TRP A 95 4.08 6.02 -6.19
N PHE A 96 3.06 6.39 -6.96
CA PHE A 96 3.07 7.44 -7.94
C PHE A 96 1.90 8.37 -7.69
N SER A 97 2.21 9.66 -7.54
CA SER A 97 1.20 10.67 -7.33
C SER A 97 0.27 10.74 -8.57
N PHE A 98 -0.97 11.16 -8.36
CA PHE A 98 -2.03 11.17 -9.35
C PHE A 98 -2.76 12.49 -9.28
N THR A 99 -2.96 13.10 -10.44
CA THR A 99 -3.49 14.43 -10.58
C THR A 99 -4.76 14.40 -11.42
N ASN A 100 -5.67 15.32 -11.12
CA ASN A 100 -7.05 15.26 -11.61
C ASN A 100 -7.59 16.68 -11.72
N PRO A 101 -8.92 16.77 -11.87
CA PRO A 101 -9.53 16.49 -13.15
C PRO A 101 -8.91 17.43 -14.20
N ASP A 102 -8.99 18.71 -13.92
CA ASP A 102 -8.54 19.86 -14.71
C ASP A 102 -8.01 21.01 -13.87
N THR A 103 -8.17 20.93 -12.55
CA THR A 103 -7.40 21.79 -11.66
C THR A 103 -5.92 21.42 -11.78
N LYS A 104 -5.70 20.14 -12.14
CA LYS A 104 -4.45 19.42 -12.12
C LYS A 104 -3.83 19.55 -10.74
N GLU A 105 -4.65 19.37 -9.71
CA GLU A 105 -4.19 19.24 -8.34
C GLU A 105 -3.67 17.83 -8.12
N LEU A 106 -2.81 17.64 -7.12
CA LEU A 106 -2.51 16.31 -6.65
C LEU A 106 -3.75 15.92 -5.86
N GLU A 107 -4.39 14.87 -6.32
CA GLU A 107 -5.70 14.45 -5.87
C GLU A 107 -5.57 13.11 -5.14
N TYR A 108 -4.73 12.17 -5.61
CA TYR A 108 -4.42 10.94 -4.85
C TYR A 108 -3.02 10.48 -5.15
N ILE A 109 -2.69 9.34 -4.59
CA ILE A 109 -1.56 8.54 -4.95
C ILE A 109 -2.18 7.21 -5.37
N VAL A 110 -1.49 6.59 -6.28
CA VAL A 110 -1.77 5.25 -6.80
C VAL A 110 -0.45 4.49 -6.72
N SER A 111 -0.48 3.17 -6.58
CA SER A 111 0.73 2.46 -6.22
C SER A 111 0.60 0.96 -6.36
N VAL A 112 1.73 0.28 -6.23
CA VAL A 112 1.80 -1.18 -6.21
C VAL A 112 2.73 -1.64 -5.11
N ASN A 113 2.59 -2.88 -4.65
CA ASN A 113 3.13 -3.30 -3.40
C ASN A 113 3.51 -4.75 -3.59
N THR A 114 4.64 -5.15 -3.03
CA THR A 114 4.97 -6.55 -2.88
C THR A 114 5.30 -6.77 -1.40
N LEU A 115 5.65 -7.98 -0.98
CA LEU A 115 6.18 -8.22 0.36
C LEU A 115 7.41 -9.13 0.36
N VAL A 116 8.15 -9.09 1.47
CA VAL A 116 9.27 -9.96 1.79
C VAL A 116 9.18 -10.26 3.29
N LEU A 117 9.83 -11.34 3.74
CA LEU A 117 9.79 -11.81 5.13
C LEU A 117 11.16 -12.38 5.53
N GLY A 118 12.23 -11.86 4.93
CA GLY A 118 13.60 -12.32 5.12
C GLY A 118 14.57 -11.56 4.22
N HIS A 119 15.86 -11.89 4.32
CA HIS A 119 16.93 -11.31 3.50
C HIS A 119 18.02 -12.37 3.30
N SER A 120 18.93 -12.12 2.35
CA SER A 120 20.03 -13.02 1.98
C SER A 120 21.11 -13.16 3.07
N GLU A 121 21.02 -12.39 4.16
CA GLU A 121 21.95 -12.40 5.28
C GLU A 121 21.13 -12.17 6.56
N ASN A 4 -12.13 -17.66 -17.89
CA ASN A 4 -13.26 -18.63 -17.70
C ASN A 4 -13.32 -19.12 -16.24
N SER A 5 -14.46 -19.66 -15.81
CA SER A 5 -14.74 -20.04 -14.42
C SER A 5 -13.81 -21.14 -13.87
N GLY A 6 -13.19 -21.93 -14.75
CA GLY A 6 -12.25 -22.98 -14.39
C GLY A 6 -10.85 -22.49 -13.98
N GLU A 7 -10.64 -21.17 -13.89
CA GLU A 7 -9.36 -20.56 -13.52
C GLU A 7 -9.64 -19.40 -12.55
N ILE A 8 -8.65 -19.05 -11.74
CA ILE A 8 -8.67 -17.95 -10.78
C ILE A 8 -7.23 -17.45 -10.66
N ASN A 9 -7.01 -16.16 -10.36
CA ASN A 9 -5.67 -15.58 -10.32
C ASN A 9 -5.58 -14.42 -9.33
N VAL A 10 -6.26 -14.56 -8.17
CA VAL A 10 -6.32 -13.48 -7.16
C VAL A 10 -5.01 -13.26 -6.42
N LYS A 11 -4.19 -14.30 -6.34
CA LYS A 11 -2.82 -14.23 -5.83
C LYS A 11 -1.87 -14.18 -7.00
N PRO A 12 -0.62 -13.71 -6.82
CA PRO A 12 0.31 -13.80 -5.69
C PRO A 12 0.19 -12.71 -4.63
N THR A 13 1.26 -12.62 -3.85
CA THR A 13 1.34 -12.17 -2.46
C THR A 13 1.93 -10.75 -2.55
N GLU A 14 1.32 -9.95 -3.42
CA GLU A 14 1.59 -8.55 -3.75
C GLU A 14 0.25 -7.82 -3.65
N PHE A 15 0.22 -6.49 -3.79
CA PHE A 15 -1.05 -5.79 -3.99
C PHE A 15 -0.81 -4.47 -4.70
N ILE A 16 -1.90 -3.89 -5.22
CA ILE A 16 -1.92 -2.64 -5.95
C ILE A 16 -3.09 -1.85 -5.36
N THR A 17 -2.99 -0.53 -5.34
CA THR A 17 -3.91 0.30 -4.56
C THR A 17 -4.00 1.73 -5.13
N ARG A 18 -4.99 2.48 -4.64
CA ARG A 18 -5.10 3.93 -4.84
C ARG A 18 -5.51 4.52 -3.48
N PHE A 19 -4.97 5.66 -3.09
CA PHE A 19 -5.15 6.19 -1.76
C PHE A 19 -5.02 7.69 -1.83
N ALA A 20 -5.90 8.37 -1.11
CA ALA A 20 -5.94 9.81 -1.04
C ALA A 20 -4.86 10.31 -0.07
N VAL A 21 -4.74 11.64 0.01
CA VAL A 21 -3.74 12.31 0.85
C VAL A 21 -3.91 11.98 2.34
N ASN A 22 -5.13 11.56 2.74
CA ASN A 22 -5.60 11.29 4.10
C ASN A 22 -4.79 10.25 4.90
N GLY A 23 -3.96 9.42 4.26
CA GLY A 23 -3.26 8.35 4.95
C GLY A 23 -4.13 7.12 5.21
N LYS A 24 -5.19 6.89 4.41
CA LYS A 24 -5.94 5.63 4.39
C LYS A 24 -5.99 5.15 2.96
N PHE A 25 -5.95 3.84 2.71
CA PHE A 25 -6.23 3.39 1.35
C PHE A 25 -7.67 3.71 1.03
N VAL A 26 -7.96 4.04 -0.23
CA VAL A 26 -9.29 4.47 -0.65
C VAL A 26 -9.80 3.62 -1.82
N TYR A 27 -8.92 2.76 -2.33
CA TYR A 27 -9.26 1.64 -3.20
C TYR A 27 -8.11 0.64 -3.03
N VAL A 28 -8.40 -0.66 -3.03
CA VAL A 28 -7.43 -1.70 -2.75
C VAL A 28 -7.77 -2.87 -3.67
N ASP A 29 -6.77 -3.52 -4.25
CA ASP A 29 -6.94 -4.66 -5.15
C ASP A 29 -7.10 -5.98 -4.38
N GLN A 30 -7.78 -6.98 -4.93
CA GLN A 30 -7.98 -8.31 -4.35
C GLN A 30 -6.67 -9.10 -4.09
N ARG A 31 -5.56 -8.75 -4.72
CA ARG A 31 -4.29 -9.33 -4.29
C ARG A 31 -4.05 -8.96 -2.83
N ALA A 32 -4.65 -7.89 -2.28
CA ALA A 32 -4.68 -7.68 -0.82
C ALA A 32 -5.30 -8.88 -0.08
N THR A 33 -6.41 -9.41 -0.58
CA THR A 33 -7.03 -10.65 -0.09
C THR A 33 -6.12 -11.86 -0.31
N ALA A 34 -5.14 -11.82 -1.23
CA ALA A 34 -4.20 -12.93 -1.32
C ALA A 34 -3.03 -12.76 -0.34
N ILE A 35 -2.43 -11.57 -0.32
CA ILE A 35 -1.17 -11.28 0.36
C ILE A 35 -1.28 -11.33 1.87
N LEU A 36 -2.25 -10.58 2.39
CA LEU A 36 -2.37 -10.30 3.81
C LEU A 36 -3.74 -10.78 4.29
N GLY A 37 -4.41 -11.53 3.41
CA GLY A 37 -5.77 -12.03 3.51
C GLY A 37 -6.76 -11.20 4.33
N TYR A 38 -6.68 -9.86 4.18
CA TYR A 38 -7.65 -8.92 4.70
C TYR A 38 -8.14 -8.19 3.47
N LEU A 39 -9.45 -7.96 3.45
CA LEU A 39 -10.16 -7.61 2.24
C LEU A 39 -9.67 -6.27 1.69
N PRO A 40 -10.11 -6.07 0.44
CA PRO A 40 -10.67 -4.72 0.14
C PRO A 40 -11.95 -4.30 0.92
N GLN A 41 -11.84 -4.25 2.26
CA GLN A 41 -12.69 -3.50 3.20
C GLN A 41 -11.96 -3.39 4.54
N GLU A 42 -11.11 -4.38 4.89
CA GLU A 42 -10.25 -4.26 6.06
C GLU A 42 -9.04 -3.39 5.73
N LEU A 43 -8.57 -3.40 4.47
CA LEU A 43 -7.59 -2.40 4.02
C LEU A 43 -8.31 -1.16 3.47
N LEU A 44 -9.44 -1.35 2.79
CA LEU A 44 -10.11 -0.30 2.02
C LEU A 44 -10.77 0.69 2.99
N GLY A 45 -10.45 1.98 2.88
CA GLY A 45 -10.98 3.03 3.75
C GLY A 45 -10.37 3.02 5.15
N THR A 46 -9.18 2.44 5.30
CA THR A 46 -8.61 2.14 6.61
C THR A 46 -7.17 2.68 6.68
N SER A 47 -6.72 2.98 7.90
CA SER A 47 -5.50 3.75 8.17
C SER A 47 -4.21 3.05 7.75
N CYS A 48 -3.60 3.62 6.70
CA CYS A 48 -2.30 3.27 6.18
C CYS A 48 -1.24 3.20 7.28
N TYR A 49 -1.30 4.16 8.22
CA TYR A 49 -0.35 4.29 9.30
C TYR A 49 -0.71 3.41 10.51
N GLU A 50 -1.75 2.57 10.42
CA GLU A 50 -2.22 1.75 11.54
C GLU A 50 -2.09 0.26 11.20
N TYR A 51 -2.36 -0.16 9.95
CA TYR A 51 -2.01 -1.52 9.53
C TYR A 51 -0.53 -1.63 9.13
N PHE A 52 0.23 -0.55 9.27
CA PHE A 52 1.68 -0.53 9.20
C PHE A 52 2.14 -0.56 10.66
N HIS A 53 3.30 -1.18 10.93
CA HIS A 53 3.80 -1.42 12.28
C HIS A 53 4.07 -0.09 13.01
N GLN A 54 3.62 0.06 14.26
CA GLN A 54 3.77 1.32 15.01
C GLN A 54 5.22 1.51 15.51
N ASP A 55 6.16 1.73 14.59
CA ASP A 55 7.55 2.10 14.88
C ASP A 55 8.19 2.99 13.79
N ASP A 56 7.59 3.05 12.59
CA ASP A 56 7.99 3.82 11.44
C ASP A 56 6.67 4.15 10.73
N HIS A 57 5.55 4.18 11.47
CA HIS A 57 4.24 4.60 10.98
C HIS A 57 4.31 6.07 10.58
N ASN A 58 5.07 6.88 11.32
CA ASN A 58 5.35 8.24 10.85
C ASN A 58 6.20 8.16 9.61
N ASN A 59 6.99 7.10 9.45
CA ASN A 59 7.92 7.04 8.37
C ASN A 59 7.14 6.86 7.07
N LEU A 60 6.22 5.88 7.11
CA LEU A 60 5.21 5.59 6.10
C LEU A 60 4.42 6.86 5.76
N THR A 61 3.98 7.59 6.78
CA THR A 61 3.21 8.83 6.63
C THR A 61 4.08 9.95 6.05
N ASP A 62 5.37 9.97 6.38
CA ASP A 62 6.27 11.03 5.93
C ASP A 62 6.58 10.77 4.47
N LYS A 63 6.55 9.49 4.07
CA LYS A 63 6.79 9.04 2.72
C LYS A 63 5.57 9.28 1.88
N HIS A 64 4.38 8.98 2.37
CA HIS A 64 3.24 9.11 1.51
C HIS A 64 2.97 10.62 1.35
N LYS A 65 3.25 11.48 2.37
CA LYS A 65 3.27 12.91 2.09
C LYS A 65 4.34 13.18 1.08
N ALA A 66 5.51 12.54 1.21
CA ALA A 66 6.58 12.75 0.26
C ALA A 66 6.18 12.34 -1.17
N VAL A 67 5.16 11.49 -1.34
CA VAL A 67 4.63 11.17 -2.67
C VAL A 67 3.67 12.30 -3.07
N LEU A 68 2.77 12.70 -2.16
CA LEU A 68 1.86 13.86 -2.27
C LEU A 68 2.59 15.19 -2.45
N GLN A 69 3.87 15.23 -2.08
CA GLN A 69 4.70 16.42 -2.01
C GLN A 69 4.80 17.02 -3.45
N SER A 70 4.73 16.15 -4.45
CA SER A 70 4.65 16.42 -5.88
C SER A 70 3.29 15.90 -6.38
N LYS A 71 2.95 16.04 -7.67
CA LYS A 71 1.58 15.79 -8.14
C LYS A 71 1.58 14.61 -9.10
N GLU A 72 2.75 14.10 -9.48
CA GLU A 72 2.83 13.13 -10.55
C GLU A 72 4.12 12.29 -10.53
N LYS A 73 4.68 11.97 -9.35
CA LYS A 73 6.00 11.35 -9.24
C LYS A 73 6.02 10.28 -8.18
N ILE A 74 7.05 9.45 -8.28
CA ILE A 74 7.17 8.18 -7.62
C ILE A 74 8.28 8.16 -6.57
N LEU A 75 8.00 7.52 -5.43
CA LEU A 75 8.97 7.15 -4.41
C LEU A 75 8.86 5.64 -4.20
N THR A 76 9.99 4.98 -3.97
CA THR A 76 10.09 3.55 -3.76
C THR A 76 10.89 3.35 -2.47
N ASP A 77 10.32 2.62 -1.50
CA ASP A 77 10.91 2.41 -0.16
C ASP A 77 10.38 1.11 0.47
N SER A 78 10.85 0.78 1.67
CA SER A 78 10.51 -0.42 2.42
C SER A 78 9.55 -0.09 3.57
N TYR A 79 8.61 -1.00 3.80
CA TYR A 79 7.54 -0.94 4.77
C TYR A 79 7.44 -2.24 5.52
N LYS A 80 6.67 -2.14 6.57
CA LYS A 80 6.56 -3.16 7.61
C LYS A 80 5.08 -3.12 7.94
N PHE A 81 4.38 -4.19 7.62
CA PHE A 81 2.94 -4.12 7.44
C PHE A 81 2.29 -5.38 8.00
N ARG A 82 0.99 -5.37 8.28
CA ARG A 82 0.39 -6.48 9.05
C ARG A 82 -1.10 -6.72 8.76
N ALA A 83 -1.31 -7.86 8.10
CA ALA A 83 -2.48 -8.62 7.74
C ALA A 83 -3.53 -8.86 8.83
N LYS A 84 -4.64 -9.39 8.30
CA LYS A 84 -5.82 -9.98 8.92
C LYS A 84 -5.70 -10.21 10.42
N ASP A 85 -5.05 -11.29 10.84
CA ASP A 85 -5.06 -11.76 12.24
C ASP A 85 -3.65 -12.15 12.68
N GLY A 86 -2.65 -11.82 11.86
CA GLY A 86 -1.29 -12.30 12.01
C GLY A 86 -0.45 -11.84 10.83
N SER A 87 0.51 -12.65 10.39
CA SER A 87 1.37 -12.44 9.25
C SER A 87 1.93 -11.01 9.17
N PHE A 88 2.56 -10.58 10.27
CA PHE A 88 3.39 -9.38 10.29
C PHE A 88 4.53 -9.66 9.29
N VAL A 89 4.69 -8.80 8.29
CA VAL A 89 5.53 -9.11 7.14
C VAL A 89 6.09 -7.84 6.51
N THR A 90 6.91 -7.95 5.45
CA THR A 90 7.50 -6.76 4.85
C THR A 90 6.54 -6.30 3.79
N LEU A 91 6.67 -5.05 3.37
CA LEU A 91 6.07 -4.60 2.14
C LEU A 91 7.15 -3.71 1.54
N LYS A 92 7.23 -3.62 0.24
CA LYS A 92 8.31 -3.01 -0.51
C LYS A 92 7.48 -2.39 -1.61
N SER A 93 7.43 -1.07 -1.67
CA SER A 93 6.39 -0.42 -2.42
C SER A 93 6.90 0.69 -3.28
N GLN A 94 6.04 1.08 -4.22
CA GLN A 94 6.19 2.13 -5.19
C GLN A 94 4.90 2.93 -5.12
N TRP A 95 4.93 4.19 -4.74
CA TRP A 95 3.73 5.02 -4.69
C TRP A 95 3.98 6.27 -5.51
N PHE A 96 3.03 6.61 -6.38
CA PHE A 96 3.19 7.66 -7.37
C PHE A 96 1.94 8.52 -7.35
N SER A 97 2.16 9.84 -7.21
CA SER A 97 1.06 10.79 -7.10
C SER A 97 0.26 10.86 -8.41
N PHE A 98 -0.99 11.30 -8.31
CA PHE A 98 -1.94 11.35 -9.40
C PHE A 98 -2.68 12.69 -9.30
N THR A 99 -2.80 13.33 -10.45
CA THR A 99 -3.25 14.69 -10.57
C THR A 99 -4.51 14.74 -11.43
N ASN A 100 -5.39 15.69 -11.10
CA ASN A 100 -6.49 16.10 -11.95
C ASN A 100 -5.81 17.05 -12.94
N PRO A 101 -6.16 17.03 -14.23
CA PRO A 101 -5.76 18.14 -15.13
C PRO A 101 -6.92 18.92 -15.78
N ASP A 102 -8.09 18.98 -15.15
CA ASP A 102 -8.87 20.23 -15.23
C ASP A 102 -8.20 21.35 -14.44
N THR A 103 -7.22 21.02 -13.58
CA THR A 103 -6.67 21.99 -12.63
C THR A 103 -5.16 21.87 -12.40
N LYS A 104 -4.57 20.69 -12.61
CA LYS A 104 -3.21 20.32 -12.22
C LYS A 104 -3.05 20.46 -10.71
N GLU A 105 -3.93 19.75 -9.98
CA GLU A 105 -3.86 19.57 -8.54
C GLU A 105 -3.45 18.14 -8.25
N LEU A 106 -2.87 17.89 -7.08
CA LEU A 106 -2.68 16.54 -6.59
C LEU A 106 -4.03 16.14 -6.04
N GLU A 107 -4.55 15.05 -6.55
CA GLU A 107 -5.91 14.60 -6.31
C GLU A 107 -5.92 13.25 -5.57
N TYR A 108 -4.93 12.36 -5.80
CA TYR A 108 -4.72 11.14 -5.00
C TYR A 108 -3.37 10.56 -5.38
N ILE A 109 -3.06 9.40 -4.84
CA ILE A 109 -1.85 8.64 -5.06
C ILE A 109 -2.33 7.28 -5.55
N VAL A 110 -1.55 6.62 -6.40
CA VAL A 110 -1.77 5.25 -6.84
C VAL A 110 -0.44 4.53 -6.58
N SER A 111 -0.47 3.22 -6.39
CA SER A 111 0.72 2.55 -5.87
C SER A 111 0.66 1.04 -6.01
N VAL A 112 1.81 0.38 -5.84
CA VAL A 112 1.91 -1.07 -5.84
C VAL A 112 2.97 -1.55 -4.87
N ASN A 113 2.77 -2.74 -4.30
CA ASN A 113 3.45 -3.21 -3.13
C ASN A 113 3.76 -4.67 -3.35
N THR A 114 4.86 -5.14 -2.78
CA THR A 114 5.13 -6.56 -2.68
C THR A 114 5.79 -6.87 -1.34
N LEU A 115 5.71 -8.08 -0.82
CA LEU A 115 6.33 -8.43 0.48
C LEU A 115 7.67 -9.17 0.38
N VAL A 116 8.38 -8.92 -0.72
CA VAL A 116 9.69 -9.43 -1.12
C VAL A 116 9.68 -10.95 -1.35
N LEU A 117 9.41 -11.72 -0.30
CA LEU A 117 9.27 -13.18 -0.30
C LEU A 117 8.46 -13.59 0.92
N GLY A 118 8.79 -13.06 2.10
CA GLY A 118 8.20 -13.41 3.38
C GLY A 118 8.89 -12.69 4.53
N HIS A 119 8.53 -13.03 5.77
CA HIS A 119 9.24 -12.55 6.96
C HIS A 119 10.63 -13.19 7.04
N SER A 120 11.50 -12.66 7.90
CA SER A 120 12.87 -13.11 8.11
C SER A 120 12.97 -14.55 8.68
N GLU A 121 11.88 -15.14 9.15
CA GLU A 121 11.82 -16.49 9.68
C GLU A 121 10.50 -17.12 9.23
N ASN A 4 -12.48 -24.67 -18.73
CA ASN A 4 -11.26 -24.82 -17.89
C ASN A 4 -11.57 -24.46 -16.44
N SER A 5 -11.42 -25.42 -15.52
CA SER A 5 -11.70 -25.26 -14.08
C SER A 5 -10.54 -25.80 -13.21
N GLY A 6 -9.39 -26.12 -13.82
CA GLY A 6 -8.21 -26.68 -13.15
C GLY A 6 -7.21 -25.61 -12.71
N GLU A 7 -7.54 -24.33 -12.89
CA GLU A 7 -6.68 -23.19 -12.58
C GLU A 7 -7.54 -22.08 -11.96
N ILE A 8 -6.89 -21.17 -11.23
CA ILE A 8 -7.50 -19.99 -10.62
C ILE A 8 -6.41 -18.90 -10.58
N ASN A 9 -6.74 -17.68 -10.10
CA ASN A 9 -5.88 -16.50 -10.19
C ASN A 9 -5.69 -15.79 -8.84
N VAL A 10 -6.14 -16.37 -7.71
CA VAL A 10 -6.17 -15.68 -6.42
C VAL A 10 -4.85 -15.77 -5.65
N LYS A 11 -3.77 -15.55 -6.37
CA LYS A 11 -2.42 -15.37 -5.84
C LYS A 11 -1.76 -14.26 -6.66
N PRO A 12 -0.90 -13.45 -6.04
CA PRO A 12 0.43 -13.78 -5.58
C PRO A 12 0.59 -13.13 -4.18
N THR A 13 1.64 -12.34 -3.96
CA THR A 13 2.10 -11.94 -2.64
C THR A 13 2.46 -10.45 -2.79
N GLU A 14 1.51 -9.75 -3.39
CA GLU A 14 1.53 -8.39 -3.90
C GLU A 14 0.09 -7.88 -3.87
N PHE A 15 -0.11 -6.57 -3.92
CA PHE A 15 -1.40 -5.96 -4.15
C PHE A 15 -1.17 -4.61 -4.82
N ILE A 16 -2.23 -4.00 -5.30
CA ILE A 16 -2.20 -2.65 -5.84
C ILE A 16 -3.35 -1.91 -5.19
N THR A 17 -3.25 -0.59 -5.20
CA THR A 17 -4.19 0.21 -4.45
C THR A 17 -4.09 1.67 -4.90
N ARG A 18 -5.13 2.45 -4.57
CA ARG A 18 -5.10 3.90 -4.68
C ARG A 18 -5.39 4.41 -3.28
N PHE A 19 -4.72 5.48 -2.83
CA PHE A 19 -4.85 5.93 -1.46
C PHE A 19 -4.65 7.42 -1.50
N ALA A 20 -5.49 8.13 -0.77
CA ALA A 20 -5.44 9.58 -0.72
C ALA A 20 -4.44 10.02 0.33
N VAL A 21 -4.15 11.32 0.36
CA VAL A 21 -3.24 11.89 1.38
C VAL A 21 -3.83 11.76 2.80
N ASN A 22 -5.11 11.36 2.91
CA ASN A 22 -5.80 10.96 4.14
C ASN A 22 -5.09 9.80 4.88
N GLY A 23 -4.16 9.09 4.23
CA GLY A 23 -3.49 7.97 4.86
C GLY A 23 -4.43 6.78 5.05
N LYS A 24 -5.41 6.59 4.17
CA LYS A 24 -6.21 5.36 4.11
C LYS A 24 -6.25 4.88 2.68
N PHE A 25 -6.25 3.56 2.47
CA PHE A 25 -6.27 3.00 1.13
C PHE A 25 -7.68 3.08 0.59
N VAL A 26 -8.03 4.22 0.01
CA VAL A 26 -9.38 4.50 -0.45
C VAL A 26 -9.85 3.51 -1.54
N TYR A 27 -8.93 2.77 -2.18
CA TYR A 27 -9.27 1.62 -3.01
C TYR A 27 -8.17 0.57 -2.88
N VAL A 28 -8.50 -0.72 -2.94
CA VAL A 28 -7.54 -1.82 -2.79
C VAL A 28 -7.99 -2.98 -3.71
N ASP A 29 -7.04 -3.74 -4.24
CA ASP A 29 -7.20 -4.95 -5.06
C ASP A 29 -7.37 -6.23 -4.22
N GLN A 30 -8.13 -7.23 -4.71
CA GLN A 30 -8.25 -8.58 -4.12
C GLN A 30 -6.92 -9.35 -4.01
N ARG A 31 -5.87 -9.02 -4.77
CA ARG A 31 -4.57 -9.61 -4.45
C ARG A 31 -4.14 -9.17 -3.05
N ALA A 32 -4.72 -8.10 -2.46
CA ALA A 32 -4.56 -7.84 -1.02
C ALA A 32 -5.20 -8.93 -0.15
N THR A 33 -6.30 -9.52 -0.60
CA THR A 33 -6.89 -10.72 -0.02
C THR A 33 -5.96 -11.93 -0.24
N ALA A 34 -5.01 -11.89 -1.19
CA ALA A 34 -4.14 -13.04 -1.43
C ALA A 34 -2.74 -12.97 -0.79
N ILE A 35 -2.21 -11.76 -0.60
CA ILE A 35 -0.87 -11.48 -0.08
C ILE A 35 -0.75 -11.74 1.40
N LEU A 36 -1.57 -11.02 2.17
CA LEU A 36 -1.57 -11.03 3.62
C LEU A 36 -3.01 -11.13 4.16
N GLY A 37 -3.96 -11.31 3.22
CA GLY A 37 -5.32 -11.75 3.46
C GLY A 37 -6.28 -10.85 4.24
N TYR A 38 -6.41 -9.57 3.88
CA TYR A 38 -7.50 -8.71 4.35
C TYR A 38 -8.06 -8.06 3.11
N LEU A 39 -9.38 -7.87 3.12
CA LEU A 39 -10.08 -7.67 1.88
C LEU A 39 -9.83 -6.29 1.29
N PRO A 40 -10.37 -6.19 0.08
CA PRO A 40 -11.13 -4.95 -0.24
C PRO A 40 -12.34 -4.52 0.65
N GLN A 41 -12.20 -4.57 1.97
CA GLN A 41 -12.98 -3.80 2.96
C GLN A 41 -12.16 -3.68 4.25
N GLU A 42 -11.38 -4.70 4.62
CA GLU A 42 -10.58 -4.67 5.85
C GLU A 42 -9.24 -3.98 5.61
N LEU A 43 -8.89 -3.74 4.34
CA LEU A 43 -7.78 -2.90 3.92
C LEU A 43 -8.26 -1.62 3.25
N LEU A 44 -9.54 -1.55 2.90
CA LEU A 44 -10.05 -0.54 1.99
C LEU A 44 -10.87 0.48 2.80
N GLY A 45 -10.55 1.76 2.65
CA GLY A 45 -11.14 2.83 3.44
C GLY A 45 -10.62 2.86 4.88
N THR A 46 -9.38 2.38 5.11
CA THR A 46 -8.85 2.19 6.46
C THR A 46 -7.36 2.54 6.50
N SER A 47 -6.87 2.89 7.70
CA SER A 47 -5.62 3.55 8.00
C SER A 47 -4.33 2.84 7.59
N CYS A 48 -3.76 3.33 6.49
CA CYS A 48 -2.43 3.00 6.06
C CYS A 48 -1.44 3.16 7.21
N TYR A 49 -1.49 4.29 7.92
CA TYR A 49 -0.59 4.59 9.01
C TYR A 49 -1.16 4.07 10.34
N GLU A 50 -1.56 2.81 10.27
CA GLU A 50 -1.94 1.93 11.35
C GLU A 50 -1.57 0.50 10.93
N TYR A 51 -1.73 0.16 9.64
CA TYR A 51 -1.26 -1.11 9.10
C TYR A 51 0.27 -1.19 8.91
N PHE A 52 1.01 -0.14 9.24
CA PHE A 52 2.44 -0.16 9.29
C PHE A 52 2.92 -0.74 10.63
N HIS A 53 4.22 -0.71 10.91
CA HIS A 53 4.77 -1.07 12.21
C HIS A 53 5.12 0.21 12.98
N GLN A 54 5.19 0.13 14.33
CA GLN A 54 5.42 1.30 15.19
C GLN A 54 6.79 1.95 14.96
N ASP A 55 7.79 1.15 14.54
CA ASP A 55 9.08 1.60 14.06
C ASP A 55 9.10 1.17 12.60
N ASP A 56 9.04 2.16 11.68
CA ASP A 56 8.74 2.07 10.25
C ASP A 56 7.66 3.12 9.98
N HIS A 57 6.87 3.50 11.00
CA HIS A 57 5.87 4.56 10.95
C HIS A 57 6.43 5.85 10.35
N ASN A 58 7.57 6.32 10.85
CA ASN A 58 8.14 7.56 10.33
C ASN A 58 8.57 7.30 8.92
N ASN A 59 9.17 6.13 8.69
CA ASN A 59 9.74 5.83 7.40
C ASN A 59 8.62 5.86 6.35
N LEU A 60 7.52 5.15 6.62
CA LEU A 60 6.33 5.04 5.79
C LEU A 60 5.76 6.41 5.50
N THR A 61 5.63 7.23 6.52
CA THR A 61 4.96 8.53 6.45
C THR A 61 5.86 9.54 5.72
N ASP A 62 7.17 9.39 5.85
CA ASP A 62 8.13 10.27 5.23
C ASP A 62 8.28 9.90 3.77
N LYS A 63 8.12 8.62 3.47
CA LYS A 63 8.17 8.11 2.12
C LYS A 63 6.90 8.40 1.41
N HIS A 64 5.75 8.14 2.02
CA HIS A 64 4.55 8.32 1.26
C HIS A 64 4.34 9.84 1.09
N LYS A 65 4.75 10.73 2.02
CA LYS A 65 4.75 12.17 1.69
C LYS A 65 5.87 12.47 0.74
N ALA A 66 6.96 11.69 0.67
CA ALA A 66 7.90 11.90 -0.42
C ALA A 66 7.20 11.63 -1.75
N VAL A 67 6.17 10.77 -1.78
CA VAL A 67 5.35 10.60 -2.98
C VAL A 67 4.44 11.83 -3.10
N LEU A 68 3.72 12.17 -2.02
CA LEU A 68 2.65 13.17 -2.06
C LEU A 68 3.16 14.58 -2.31
N GLN A 69 4.37 14.89 -1.85
CA GLN A 69 4.91 16.25 -1.83
C GLN A 69 4.93 16.84 -3.26
N SER A 70 5.17 15.97 -4.24
CA SER A 70 5.18 16.22 -5.68
C SER A 70 3.72 16.26 -6.21
N LYS A 71 3.45 15.92 -7.49
CA LYS A 71 2.09 15.78 -8.00
C LYS A 71 1.97 14.59 -8.95
N GLU A 72 3.08 13.96 -9.38
CA GLU A 72 3.04 13.00 -10.47
C GLU A 72 4.27 12.07 -10.53
N LYS A 73 4.94 11.77 -9.40
CA LYS A 73 6.23 11.08 -9.40
C LYS A 73 6.27 9.94 -8.42
N ILE A 74 7.28 9.08 -8.61
CA ILE A 74 7.36 7.74 -8.05
C ILE A 74 8.54 7.54 -7.09
N LEU A 75 8.26 6.81 -6.00
CA LEU A 75 9.20 6.44 -4.93
C LEU A 75 9.13 4.92 -4.79
N THR A 76 10.27 4.27 -4.56
CA THR A 76 10.35 2.84 -4.26
C THR A 76 11.25 2.68 -3.03
N ASP A 77 10.77 1.95 -2.01
CA ASP A 77 11.48 1.69 -0.75
C ASP A 77 10.84 0.46 -0.06
N SER A 78 11.31 0.14 1.17
CA SER A 78 10.76 -0.90 2.03
C SER A 78 9.95 -0.26 3.16
N TYR A 79 9.00 -1.05 3.68
CA TYR A 79 8.10 -0.73 4.77
C TYR A 79 7.82 -2.03 5.50
N LYS A 80 7.21 -1.92 6.66
CA LYS A 80 7.03 -3.02 7.57
C LYS A 80 5.57 -2.89 7.94
N PHE A 81 4.81 -3.94 7.65
CA PHE A 81 3.37 -3.83 7.56
C PHE A 81 2.70 -5.02 8.23
N ARG A 82 1.41 -4.94 8.49
CA ARG A 82 0.63 -6.12 8.93
C ARG A 82 -0.83 -6.03 8.54
N ALA A 83 -1.47 -7.19 8.43
CA ALA A 83 -2.81 -7.38 7.95
C ALA A 83 -3.60 -8.30 8.85
N LYS A 84 -4.88 -8.40 8.53
CA LYS A 84 -5.88 -9.36 9.00
C LYS A 84 -5.90 -9.61 10.51
N ASP A 85 -4.96 -10.40 11.01
CA ASP A 85 -4.92 -10.90 12.40
C ASP A 85 -3.68 -10.37 13.11
N GLY A 86 -3.09 -9.29 12.56
CA GLY A 86 -1.80 -8.79 13.00
C GLY A 86 -0.63 -9.60 12.42
N SER A 87 -0.82 -10.15 11.21
CA SER A 87 0.14 -10.95 10.47
C SER A 87 1.32 -10.06 10.07
N PHE A 88 2.35 -9.98 10.92
CA PHE A 88 3.45 -9.05 10.80
C PHE A 88 4.34 -9.47 9.64
N VAL A 89 4.54 -8.55 8.69
CA VAL A 89 5.19 -8.87 7.42
C VAL A 89 5.92 -7.64 6.86
N THR A 90 6.61 -7.75 5.73
CA THR A 90 7.25 -6.59 5.12
C THR A 90 6.27 -6.02 4.10
N LEU A 91 6.60 -4.88 3.53
CA LEU A 91 6.01 -4.39 2.30
C LEU A 91 7.16 -3.71 1.59
N LYS A 92 7.11 -3.64 0.28
CA LYS A 92 8.22 -3.29 -0.57
C LYS A 92 7.41 -2.81 -1.75
N SER A 93 7.38 -1.52 -2.01
CA SER A 93 6.34 -0.97 -2.86
C SER A 93 6.83 0.23 -3.63
N GLN A 94 6.05 0.61 -4.65
CA GLN A 94 6.33 1.71 -5.54
C GLN A 94 5.04 2.54 -5.57
N TRP A 95 5.12 3.82 -5.19
CA TRP A 95 3.94 4.67 -5.12
C TRP A 95 4.18 5.92 -5.94
N PHE A 96 3.18 6.36 -6.70
CA PHE A 96 3.26 7.49 -7.60
C PHE A 96 2.10 8.44 -7.32
N SER A 97 2.41 9.73 -7.18
CA SER A 97 1.40 10.73 -6.85
C SER A 97 0.42 10.89 -8.01
N PHE A 98 -0.78 11.41 -7.70
CA PHE A 98 -1.84 11.60 -8.68
C PHE A 98 -2.49 12.95 -8.41
N THR A 99 -2.80 13.64 -9.51
CA THR A 99 -3.22 15.02 -9.50
C THR A 99 -4.53 15.14 -10.27
N ASN A 100 -5.42 15.97 -9.75
CA ASN A 100 -6.56 16.49 -10.47
C ASN A 100 -5.96 17.23 -11.66
N PRO A 101 -6.66 17.33 -12.78
CA PRO A 101 -6.27 18.41 -13.69
C PRO A 101 -7.46 19.10 -14.37
N ASP A 102 -8.53 19.37 -13.61
CA ASP A 102 -9.17 20.68 -13.74
C ASP A 102 -8.30 21.77 -13.13
N THR A 103 -7.43 21.44 -12.17
CA THR A 103 -6.66 22.43 -11.44
C THR A 103 -5.15 22.19 -11.37
N LYS A 104 -4.70 20.93 -11.51
CA LYS A 104 -3.32 20.48 -11.26
C LYS A 104 -2.97 20.63 -9.79
N GLU A 105 -3.53 19.75 -8.96
CA GLU A 105 -3.20 19.64 -7.54
C GLU A 105 -3.18 18.18 -7.16
N LEU A 106 -2.30 17.80 -6.22
CA LEU A 106 -2.21 16.46 -5.67
C LEU A 106 -3.57 16.16 -5.07
N GLU A 107 -4.21 15.15 -5.63
CA GLU A 107 -5.56 14.74 -5.28
C GLU A 107 -5.60 13.31 -4.68
N TYR A 108 -4.65 12.42 -5.00
CA TYR A 108 -4.42 11.10 -4.35
C TYR A 108 -3.08 10.56 -4.80
N ILE A 109 -2.80 9.32 -4.44
CA ILE A 109 -1.61 8.55 -4.80
C ILE A 109 -2.16 7.25 -5.41
N VAL A 110 -1.43 6.69 -6.34
CA VAL A 110 -1.72 5.41 -6.99
C VAL A 110 -0.46 4.55 -6.84
N SER A 111 -0.58 3.23 -6.69
CA SER A 111 0.61 2.50 -6.23
C SER A 111 0.50 0.97 -6.23
N VAL A 112 1.65 0.29 -6.27
CA VAL A 112 1.76 -1.16 -6.26
C VAL A 112 2.68 -1.60 -5.14
N ASN A 113 2.38 -2.74 -4.51
CA ASN A 113 2.94 -3.07 -3.23
C ASN A 113 3.21 -4.54 -3.26
N THR A 114 4.24 -4.94 -2.53
CA THR A 114 4.72 -6.30 -2.61
C THR A 114 5.22 -6.66 -1.21
N LEU A 115 5.48 -7.92 -0.87
CA LEU A 115 6.18 -8.22 0.39
C LEU A 115 7.17 -9.37 0.31
N VAL A 116 7.91 -9.49 1.41
CA VAL A 116 8.80 -10.57 1.79
C VAL A 116 8.47 -10.87 3.26
N LEU A 117 8.96 -12.00 3.78
CA LEU A 117 8.59 -12.62 5.07
C LEU A 117 7.19 -13.25 4.94
N GLY A 118 6.82 -14.17 5.83
CA GLY A 118 5.51 -14.81 5.85
C GLY A 118 5.38 -15.95 4.84
N HIS A 119 5.85 -15.74 3.60
CA HIS A 119 5.82 -16.74 2.53
C HIS A 119 7.22 -17.06 1.99
N SER A 120 8.22 -16.20 2.26
CA SER A 120 9.60 -16.42 1.87
C SER A 120 10.19 -17.66 2.59
N GLU A 121 11.18 -18.29 1.96
CA GLU A 121 11.96 -19.36 2.60
C GLU A 121 12.70 -18.79 3.82
#